data_6NKF
#
_entry.id   6NKF
#
_cell.length_a   157.856
_cell.length_b   157.856
_cell.length_c   195.492
_cell.angle_alpha   90.00
_cell.angle_beta   90.00
_cell.angle_gamma   90.00
#
_symmetry.space_group_name_H-M   'P 43 21 2'
#
loop_
_entity.id
_entity.type
_entity.pdbx_description
1 polymer 'Lip_vut4, C3L'
2 non-polymer 1,2-ETHANEDIOL
3 non-polymer DI(HYDROXYETHYL)ETHER
4 non-polymer 2-BUTANOL
5 water water
#
_entity_poly.entity_id   1
_entity_poly.type   'polypeptide(L)'
_entity_poly.pdbx_seq_one_letter_code
;(MSE)TNHIKEINWEQNTNSYIQLIPNIEYTKVEDTSLTLHLLVYRNP(MSE)DALFNRKGNQETYPLIIYLQGCGWGWT
KQDTSAFIPQLVPFVEQGYVVASVQYRGSGEAVFPAQLHDVKTAVRFLKANAARYNIDPDRVGVWGDSSGGHLALLLGLT
EGIEEFEGPDEYRHVSSKVDAVADWFGPVDLLS(MSE)SKYPSIFDHDSPNSPESKLIGGAVQENRVQAKQASPISYVHR
EAPPILI(MSE)HGDQDDVVPYQQSVQLFEALIKEGHDAL(MSE)YKINGAGHNGFTQAHTLDIVKSFFRKHLKPGKAHH
HHHH
;
_entity_poly.pdbx_strand_id   A,B,C,D
#
loop_
_chem_comp.id
_chem_comp.type
_chem_comp.name
_chem_comp.formula
EDO non-polymer 1,2-ETHANEDIOL 'C2 H6 O2'
PEG non-polymer DI(HYDROXYETHYL)ETHER 'C4 H10 O3'
SBT non-polymer 2-BUTANOL 'C4 H10 O'
#
# COMPACT_ATOMS: atom_id res chain seq x y z
N THR A 2 -27.99 -1.06 -34.09
CA THR A 2 -26.85 -0.40 -33.47
C THR A 2 -26.08 -1.34 -32.55
N ASN A 3 -26.17 -2.63 -32.80
CA ASN A 3 -25.46 -3.63 -31.97
C ASN A 3 -24.19 -4.02 -32.72
N HIS A 4 -23.13 -3.25 -32.51
CA HIS A 4 -21.84 -3.48 -33.14
C HIS A 4 -20.86 -4.09 -32.15
N ILE A 5 -19.78 -4.64 -32.70
CA ILE A 5 -18.68 -5.11 -31.87
C ILE A 5 -18.02 -3.92 -31.18
N LYS A 6 -17.93 -3.97 -29.86
CA LYS A 6 -17.32 -2.89 -29.11
C LYS A 6 -15.84 -3.18 -28.88
N GLU A 7 -15.05 -2.12 -28.86
CA GLU A 7 -13.61 -2.24 -28.70
C GLU A 7 -13.19 -1.68 -27.35
N ILE A 8 -12.24 -2.36 -26.71
CA ILE A 8 -11.66 -1.92 -25.47
C ILE A 8 -10.19 -2.34 -25.48
N ASN A 9 -9.35 -1.57 -24.83
CA ASN A 9 -7.92 -1.78 -24.93
C ASN A 9 -7.41 -2.69 -23.82
N TRP A 10 -6.21 -3.22 -24.04
CA TRP A 10 -5.56 -4.16 -23.15
C TRP A 10 -4.17 -3.64 -22.82
N GLU A 11 -3.84 -3.54 -21.54
CA GLU A 11 -2.51 -3.11 -21.15
C GLU A 11 -1.55 -4.29 -21.23
N GLN A 12 -0.39 -4.06 -21.83
CA GLN A 12 0.64 -5.10 -21.90
C GLN A 12 1.57 -5.01 -20.70
N ASN A 13 2.27 -6.11 -20.43
CA ASN A 13 3.30 -6.17 -19.39
C ASN A 13 2.71 -5.80 -18.03
N THR A 14 1.59 -6.44 -17.71
CA THR A 14 0.83 -6.16 -16.50
C THR A 14 0.44 -7.49 -15.89
N ASN A 15 0.81 -7.71 -14.62
CA ASN A 15 0.33 -8.87 -13.88
C ASN A 15 -1.06 -8.56 -13.32
N SER A 16 -2.05 -9.33 -13.72
CA SER A 16 -3.39 -9.17 -13.18
C SER A 16 -4.04 -10.48 -12.81
N TYR A 17 -3.41 -11.62 -13.09
CA TYR A 17 -3.95 -12.94 -12.77
C TYR A 17 -3.35 -13.43 -11.45
N ILE A 18 -4.20 -13.64 -10.46
CA ILE A 18 -3.79 -14.25 -9.20
C ILE A 18 -4.21 -15.71 -9.26
N GLN A 19 -3.24 -16.61 -9.15
CA GLN A 19 -3.51 -18.04 -9.24
C GLN A 19 -3.53 -18.66 -7.85
N LEU A 20 -4.53 -19.49 -7.58
CA LEU A 20 -4.55 -20.33 -6.39
C LEU A 20 -3.91 -21.66 -6.75
N ILE A 21 -2.83 -22.02 -6.04
CA ILE A 21 -2.14 -23.29 -6.23
C ILE A 21 -2.34 -24.12 -4.97
N PRO A 22 -3.30 -25.03 -4.95
CA PRO A 22 -3.66 -25.72 -3.70
C PRO A 22 -2.90 -27.03 -3.52
N ASN A 23 -2.90 -27.51 -2.27
CA ASN A 23 -2.50 -28.87 -1.94
C ASN A 23 -1.03 -29.13 -2.22
N ILE A 24 -0.18 -28.15 -1.95
CA ILE A 24 1.27 -28.34 -2.06
C ILE A 24 1.75 -29.05 -0.82
N GLU A 25 2.29 -30.26 -0.98
CA GLU A 25 2.84 -31.00 0.16
C GLU A 25 4.17 -30.40 0.54
N TYR A 26 4.29 -29.93 1.78
CA TYR A 26 5.55 -29.36 2.25
C TYR A 26 6.31 -30.28 3.19
N THR A 27 5.64 -31.27 3.78
CA THR A 27 6.35 -32.30 4.53
C THR A 27 5.45 -33.52 4.67
N LYS A 28 6.08 -34.62 5.07
CA LYS A 28 5.39 -35.89 5.26
C LYS A 28 5.91 -36.48 6.56
N VAL A 29 5.00 -36.78 7.49
CA VAL A 29 5.32 -37.45 8.74
C VAL A 29 4.53 -38.75 8.77
N GLU A 30 5.21 -39.86 9.01
CA GLU A 30 4.61 -41.20 8.90
C GLU A 30 4.07 -41.30 7.48
N ASP A 31 2.80 -41.67 7.30
CA ASP A 31 2.12 -41.56 6.02
C ASP A 31 1.20 -40.34 5.96
N THR A 32 1.38 -39.39 6.88
CA THR A 32 0.56 -38.19 6.93
C THR A 32 1.23 -37.09 6.12
N SER A 33 0.57 -36.69 5.03
CA SER A 33 1.03 -35.58 4.21
C SER A 33 0.44 -34.26 4.72
N LEU A 34 1.28 -33.25 4.87
CA LEU A 34 0.85 -31.92 5.28
C LEU A 34 1.01 -30.96 4.10
N THR A 35 -0.03 -30.18 3.84
CA THR A 35 -0.05 -29.35 2.65
C THR A 35 -0.22 -27.87 3.00
N LEU A 36 0.03 -27.04 2.00
CA LEU A 36 -0.24 -25.62 2.07
C LEU A 36 -0.86 -25.19 0.75
N HIS A 37 -1.66 -24.12 0.80
CA HIS A 37 -2.23 -23.52 -0.40
C HIS A 37 -1.55 -22.19 -0.67
N LEU A 38 -1.24 -21.93 -1.93
CA LEU A 38 -0.45 -20.76 -2.29
C LEU A 38 -1.22 -19.85 -3.24
N LEU A 39 -1.08 -18.54 -3.03
CA LEU A 39 -1.65 -17.52 -3.89
C LEU A 39 -0.51 -16.63 -4.38
N VAL A 40 -0.48 -16.38 -5.69
CA VAL A 40 0.66 -15.69 -6.29
C VAL A 40 0.21 -15.09 -7.62
N TYR A 41 0.78 -13.93 -7.95
CA TYR A 41 0.61 -13.39 -9.30
C TYR A 41 1.24 -14.35 -10.30
N ARG A 42 0.41 -15.12 -10.99
CA ARG A 42 0.87 -16.09 -11.97
C ARG A 42 -0.25 -16.31 -12.98
N ASN A 43 0.05 -16.10 -14.25
CA ASN A 43 -0.90 -16.39 -15.31
C ASN A 43 -0.68 -17.84 -15.74
N PRO A 44 -1.63 -18.75 -15.48
CA PRO A 44 -1.38 -20.17 -15.81
C PRO A 44 -1.16 -20.43 -17.30
N MSE A 45 -1.63 -19.55 -18.18
CA MSE A 45 -1.34 -19.71 -19.61
C MSE A 45 0.16 -19.68 -19.91
O MSE A 45 0.61 -20.28 -20.88
CB MSE A 45 -2.01 -18.61 -20.44
CG MSE A 45 -3.50 -18.73 -20.52
SE MSE A 45 -4.15 -20.33 -21.42
CE MSE A 45 -5.98 -19.65 -21.63
N ASP A 46 0.92 -18.97 -19.07
CA ASP A 46 2.33 -18.74 -19.38
C ASP A 46 3.11 -20.05 -19.33
N ALA A 47 3.00 -20.80 -18.24
CA ALA A 47 3.66 -22.11 -18.18
C ALA A 47 3.11 -23.05 -19.23
N LEU A 48 1.80 -23.00 -19.48
CA LEU A 48 1.18 -23.92 -20.43
C LEU A 48 1.77 -23.77 -21.83
N PHE A 49 2.21 -22.57 -22.20
CA PHE A 49 2.70 -22.33 -23.55
C PHE A 49 4.16 -21.88 -23.57
N ASN A 50 4.92 -22.17 -22.51
CA ASN A 50 6.34 -21.87 -22.48
C ASN A 50 6.62 -20.39 -22.71
N ARG A 51 5.73 -19.52 -22.24
CA ARG A 51 5.94 -18.10 -22.34
C ARG A 51 6.81 -17.62 -21.18
N LYS A 52 7.38 -16.43 -21.35
CA LYS A 52 8.05 -15.76 -20.24
C LYS A 52 7.05 -15.60 -19.09
N GLY A 53 7.47 -16.00 -17.89
CA GLY A 53 6.63 -15.92 -16.72
C GLY A 53 6.94 -14.69 -15.88
N ASN A 54 6.29 -14.63 -14.72
CA ASN A 54 6.53 -13.55 -13.77
C ASN A 54 7.87 -13.77 -13.08
N GLN A 55 8.78 -12.80 -13.20
CA GLN A 55 10.11 -12.91 -12.60
C GLN A 55 10.27 -12.05 -11.36
N GLU A 56 9.19 -11.43 -10.89
CA GLU A 56 9.24 -10.68 -9.65
C GLU A 56 9.21 -11.61 -8.44
N THR A 57 9.84 -11.17 -7.36
CA THR A 57 9.70 -11.80 -6.06
C THR A 57 8.96 -10.87 -5.13
N TYR A 58 8.19 -11.45 -4.21
CA TYR A 58 7.31 -10.72 -3.31
C TYR A 58 7.54 -11.18 -1.88
N PRO A 59 7.35 -10.30 -0.91
CA PRO A 59 7.30 -10.75 0.49
C PRO A 59 6.19 -11.76 0.68
N LEU A 60 6.41 -12.68 1.61
CA LEU A 60 5.51 -13.79 1.87
C LEU A 60 4.72 -13.53 3.14
N ILE A 61 3.42 -13.83 3.10
CA ILE A 61 2.59 -13.91 4.29
C ILE A 61 2.10 -15.34 4.42
N ILE A 62 2.38 -15.96 5.55
CA ILE A 62 1.86 -17.29 5.88
C ILE A 62 0.64 -17.11 6.77
N TYR A 63 -0.48 -17.72 6.37
CA TYR A 63 -1.66 -17.75 7.22
C TYR A 63 -1.79 -19.10 7.91
N LEU A 64 -2.09 -19.07 9.20
CA LEU A 64 -2.27 -20.28 10.02
C LEU A 64 -3.71 -20.30 10.53
N GLN A 65 -4.56 -21.12 9.91
CA GLN A 65 -5.94 -21.23 10.32
C GLN A 65 -6.06 -21.89 11.70
N GLY A 66 -6.88 -21.28 12.57
CA GLY A 66 -7.12 -21.85 13.88
C GLY A 66 -8.11 -23.00 13.83
N CYS A 67 -8.03 -23.87 14.84
CA CYS A 67 -8.85 -25.08 14.91
C CYS A 67 -8.82 -25.72 16.28
N GLY A 68 -8.38 -24.97 17.29
CA GLY A 68 -8.16 -25.58 18.60
C GLY A 68 -7.11 -26.66 18.58
N TRP A 69 -6.11 -26.54 17.69
CA TRP A 69 -5.06 -27.55 17.51
C TRP A 69 -5.66 -28.93 17.29
N GLY A 70 -6.72 -28.99 16.49
CA GLY A 70 -7.37 -30.24 16.18
C GLY A 70 -8.62 -30.54 16.98
N TRP A 71 -9.04 -29.63 17.86
CA TRP A 71 -10.36 -29.77 18.48
C TRP A 71 -11.44 -29.90 17.40
N THR A 72 -11.29 -29.14 16.32
CA THR A 72 -11.97 -29.43 15.07
C THR A 72 -10.91 -29.60 13.99
N LYS A 73 -11.29 -30.27 12.90
CA LYS A 73 -10.34 -30.52 11.82
C LYS A 73 -10.00 -29.21 11.13
N GLN A 74 -8.70 -28.89 11.06
CA GLN A 74 -8.27 -27.63 10.50
C GLN A 74 -8.68 -27.51 9.03
N ASP A 75 -9.27 -26.37 8.69
CA ASP A 75 -9.74 -26.09 7.33
C ASP A 75 -8.86 -24.96 6.77
N THR A 76 -7.86 -25.34 5.99
CA THR A 76 -6.90 -24.40 5.42
C THR A 76 -7.42 -23.68 4.19
N SER A 77 -8.56 -24.08 3.66
CA SER A 77 -9.13 -23.44 2.48
C SER A 77 -10.11 -22.33 2.83
N ALA A 78 -10.77 -22.43 3.99
CA ALA A 78 -11.91 -21.58 4.31
C ALA A 78 -11.57 -20.10 4.17
N PHE A 79 -10.42 -19.67 4.70
CA PHE A 79 -10.07 -18.26 4.77
C PHE A 79 -9.48 -17.70 3.48
N ILE A 80 -9.19 -18.56 2.51
CA ILE A 80 -8.50 -18.20 1.25
C ILE A 80 -9.05 -16.92 0.62
N PRO A 81 -10.38 -16.73 0.52
CA PRO A 81 -10.87 -15.51 -0.12
C PRO A 81 -10.43 -14.23 0.58
N GLN A 82 -10.19 -14.25 1.89
CA GLN A 82 -9.70 -13.06 2.58
C GLN A 82 -8.22 -12.81 2.31
N LEU A 83 -7.49 -13.84 1.88
CA LEU A 83 -6.07 -13.68 1.58
C LEU A 83 -5.83 -13.14 0.19
N VAL A 84 -6.81 -13.31 -0.71
CA VAL A 84 -6.64 -12.86 -2.09
C VAL A 84 -6.30 -11.37 -2.19
N PRO A 85 -7.00 -10.45 -1.51
CA PRO A 85 -6.62 -9.03 -1.64
C PRO A 85 -5.23 -8.73 -1.11
N PHE A 86 -4.64 -9.61 -0.29
CA PHE A 86 -3.26 -9.39 0.12
C PHE A 86 -2.30 -9.57 -1.05
N VAL A 87 -2.57 -10.57 -1.92
CA VAL A 87 -1.75 -10.74 -3.11
C VAL A 87 -1.78 -9.48 -3.98
N GLU A 88 -2.95 -8.84 -4.07
CA GLU A 88 -3.05 -7.61 -4.87
C GLU A 88 -2.19 -6.49 -4.30
N GLN A 89 -1.89 -6.52 -3.00
CA GLN A 89 -1.01 -5.52 -2.42
C GLN A 89 0.46 -5.83 -2.63
N GLY A 90 0.79 -6.94 -3.29
CA GLY A 90 2.16 -7.26 -3.61
C GLY A 90 2.80 -8.31 -2.71
N TYR A 91 2.04 -9.31 -2.29
CA TYR A 91 2.56 -10.43 -1.53
C TYR A 91 2.31 -11.75 -2.24
N VAL A 92 3.09 -12.76 -1.84
CA VAL A 92 2.70 -14.16 -1.99
C VAL A 92 2.13 -14.61 -0.65
N VAL A 93 1.04 -15.37 -0.70
CA VAL A 93 0.38 -15.82 0.51
C VAL A 93 0.28 -17.33 0.49
N ALA A 94 0.54 -17.95 1.64
CA ALA A 94 0.40 -19.39 1.80
C ALA A 94 -0.45 -19.66 3.04
N SER A 95 -1.43 -20.57 2.91
CA SER A 95 -2.19 -21.05 4.05
C SER A 95 -1.72 -22.45 4.37
N VAL A 96 -1.30 -22.67 5.62
CA VAL A 96 -0.48 -23.81 6.01
C VAL A 96 -1.27 -24.72 6.94
N GLN A 97 -1.23 -26.02 6.66
CA GLN A 97 -1.80 -27.05 7.51
C GLN A 97 -0.79 -27.49 8.57
N TYR A 98 -1.26 -27.66 9.80
CA TYR A 98 -0.47 -28.29 10.85
C TYR A 98 -1.30 -29.39 11.51
N ARG A 99 -0.61 -30.33 12.14
CA ARG A 99 -1.24 -31.53 12.67
C ARG A 99 -2.13 -31.22 13.88
N GLY A 100 -3.18 -32.03 14.02
CA GLY A 100 -3.99 -31.94 15.22
C GLY A 100 -3.35 -32.63 16.41
N SER A 101 -3.77 -32.19 17.59
CA SER A 101 -3.25 -32.79 18.83
C SER A 101 -3.65 -34.26 18.97
N GLY A 102 -4.70 -34.69 18.28
CA GLY A 102 -5.04 -36.10 18.26
C GLY A 102 -4.03 -36.95 17.51
N GLU A 103 -3.24 -36.34 16.63
CA GLU A 103 -2.17 -37.08 15.96
C GLU A 103 -0.86 -36.98 16.73
N ALA A 104 -0.53 -35.80 17.26
CA ALA A 104 0.70 -35.64 18.02
C ALA A 104 0.58 -34.43 18.91
N VAL A 105 1.14 -34.52 20.12
CA VAL A 105 1.05 -33.44 21.09
C VAL A 105 2.10 -32.39 20.75
N PHE A 106 1.98 -31.22 21.37
CA PHE A 106 3.00 -30.20 21.28
C PHE A 106 4.35 -30.79 21.65
N PRO A 107 5.45 -30.40 20.98
CA PRO A 107 5.64 -29.34 19.98
C PRO A 107 5.40 -29.71 18.51
N ALA A 108 4.69 -30.81 18.24
CA ALA A 108 4.46 -31.25 16.86
C ALA A 108 3.89 -30.13 15.99
N GLN A 109 2.93 -29.37 16.51
CA GLN A 109 2.30 -28.32 15.71
C GLN A 109 3.31 -27.24 15.34
N LEU A 110 4.21 -26.91 16.26
CA LEU A 110 5.24 -25.92 15.95
C LEU A 110 6.28 -26.48 15.00
N HIS A 111 6.68 -27.74 15.19
CA HIS A 111 7.53 -28.42 14.21
C HIS A 111 6.96 -28.28 12.79
N ASP A 112 5.65 -28.46 12.65
CA ASP A 112 5.04 -28.39 11.33
C ASP A 112 5.17 -27.00 10.72
N VAL A 113 4.78 -25.96 11.45
CA VAL A 113 4.75 -24.65 10.83
C VAL A 113 6.17 -24.10 10.66
N LYS A 114 7.10 -24.46 11.55
CA LYS A 114 8.50 -24.14 11.31
C LYS A 114 8.99 -24.76 10.01
N THR A 115 8.64 -26.04 9.77
CA THR A 115 9.06 -26.70 8.56
C THR A 115 8.41 -26.08 7.33
N ALA A 116 7.17 -25.60 7.46
CA ALA A 116 6.53 -24.88 6.37
C ALA A 116 7.29 -23.60 6.03
N VAL A 117 7.74 -22.86 7.05
CA VAL A 117 8.52 -21.64 6.79
C VAL A 117 9.79 -21.99 6.02
N ARG A 118 10.52 -23.00 6.49
CA ARG A 118 11.77 -23.37 5.84
C ARG A 118 11.53 -23.90 4.42
N PHE A 119 10.46 -24.67 4.24
CA PHE A 119 10.13 -25.19 2.91
C PHE A 119 9.86 -24.05 1.95
N LEU A 120 9.07 -23.06 2.38
CA LEU A 120 8.72 -21.95 1.49
C LEU A 120 9.94 -21.10 1.18
N LYS A 121 10.81 -20.89 2.17
CA LYS A 121 12.04 -20.13 1.91
C LYS A 121 12.96 -20.90 0.98
N ALA A 122 13.14 -22.19 1.24
CA ALA A 122 14.05 -23.00 0.43
C ALA A 122 13.58 -23.11 -1.01
N ASN A 123 12.27 -23.16 -1.23
CA ASN A 123 11.72 -23.24 -2.58
C ASN A 123 11.17 -21.91 -3.06
N ALA A 124 11.78 -20.81 -2.60
CA ALA A 124 11.20 -19.48 -2.82
C ALA A 124 11.14 -19.12 -4.30
N ALA A 125 12.21 -19.43 -5.05
CA ALA A 125 12.25 -19.06 -6.46
C ALA A 125 11.06 -19.65 -7.24
N ARG A 126 10.68 -20.88 -6.90
CA ARG A 126 9.57 -21.56 -7.55
C ARG A 126 8.23 -20.87 -7.30
N TYR A 127 8.12 -20.05 -6.25
CA TYR A 127 6.87 -19.44 -5.88
C TYR A 127 6.91 -17.92 -5.87
N ASN A 128 7.91 -17.31 -6.52
CA ASN A 128 8.06 -15.86 -6.57
C ASN A 128 8.20 -15.24 -5.18
N ILE A 129 8.77 -15.97 -4.24
CA ILE A 129 8.87 -15.53 -2.86
C ILE A 129 10.21 -14.86 -2.64
N ASP A 130 10.20 -13.76 -1.88
CA ASP A 130 11.41 -13.17 -1.32
C ASP A 130 11.61 -13.75 0.08
N PRO A 131 12.53 -14.70 0.26
CA PRO A 131 12.62 -15.41 1.54
C PRO A 131 13.11 -14.54 2.69
N ASP A 132 13.64 -13.35 2.42
CA ASP A 132 14.11 -12.46 3.47
C ASP A 132 12.98 -11.60 4.06
N ARG A 133 11.74 -11.74 3.57
CA ARG A 133 10.62 -10.93 4.06
C ARG A 133 9.42 -11.86 4.21
N VAL A 134 9.28 -12.46 5.39
CA VAL A 134 8.23 -13.44 5.66
C VAL A 134 7.44 -12.97 6.88
N GLY A 135 6.13 -12.78 6.68
CA GLY A 135 5.24 -12.51 7.80
C GLY A 135 4.40 -13.72 8.09
N VAL A 136 3.84 -13.82 9.29
CA VAL A 136 2.95 -14.93 9.63
C VAL A 136 1.77 -14.38 10.40
N TRP A 137 0.60 -14.96 10.14
CA TRP A 137 -0.69 -14.45 10.58
C TRP A 137 -1.56 -15.66 10.91
N GLY A 138 -2.17 -15.66 12.08
CA GLY A 138 -3.04 -16.76 12.45
C GLY A 138 -4.15 -16.29 13.36
N ASP A 139 -5.23 -17.07 13.39
CA ASP A 139 -6.33 -16.85 14.30
C ASP A 139 -6.40 -17.98 15.32
N SER A 140 -6.76 -17.63 16.55
CA SER A 140 -6.99 -18.60 17.63
C SER A 140 -5.76 -19.49 17.76
N SER A 141 -5.86 -20.82 17.63
CA SER A 141 -4.67 -21.65 17.77
C SER A 141 -3.63 -21.35 16.70
N GLY A 142 -4.05 -20.81 15.55
CA GLY A 142 -3.09 -20.38 14.54
C GLY A 142 -2.34 -19.12 14.95
N GLY A 143 -3.02 -18.20 15.63
CA GLY A 143 -2.33 -17.04 16.19
C GLY A 143 -1.34 -17.45 17.27
N HIS A 144 -1.74 -18.41 18.11
CA HIS A 144 -0.83 -19.01 19.08
C HIS A 144 0.45 -19.50 18.41
N LEU A 145 0.32 -20.25 17.33
CA LEU A 145 1.50 -20.77 16.64
C LEU A 145 2.28 -19.66 15.94
N ALA A 146 1.60 -18.63 15.42
CA ALA A 146 2.31 -17.52 14.80
C ALA A 146 3.18 -16.80 15.81
N LEU A 147 2.65 -16.56 17.01
CA LEU A 147 3.46 -15.98 18.09
C LEU A 147 4.69 -16.83 18.40
N LEU A 148 4.52 -18.15 18.46
CA LEU A 148 5.66 -19.01 18.77
C LEU A 148 6.70 -18.98 17.66
N LEU A 149 6.27 -18.87 16.40
CA LEU A 149 7.21 -18.68 15.31
C LEU A 149 8.02 -17.42 15.52
N GLY A 150 7.36 -16.33 15.92
CA GLY A 150 8.09 -15.09 16.15
C GLY A 150 9.01 -15.13 17.34
N LEU A 151 8.66 -15.91 18.36
CA LEU A 151 9.35 -15.79 19.65
C LEU A 151 10.33 -16.92 19.95
N THR A 152 10.27 -18.05 19.24
CA THR A 152 11.10 -19.21 19.59
C THR A 152 12.18 -19.46 18.55
N GLU A 153 12.60 -18.43 17.84
CA GLU A 153 13.62 -18.62 16.82
C GLU A 153 14.96 -18.97 17.45
N GLY A 154 15.65 -19.94 16.86
CA GLY A 154 16.92 -20.40 17.36
C GLY A 154 16.85 -21.53 18.36
N ILE A 155 15.66 -22.00 18.70
CA ILE A 155 15.51 -23.11 19.65
C ILE A 155 15.45 -24.40 18.86
N GLU A 156 16.54 -25.17 18.90
CA GLU A 156 16.67 -26.38 18.11
C GLU A 156 15.53 -27.37 18.39
N GLU A 157 15.16 -27.53 19.66
CA GLU A 157 14.09 -28.42 20.07
C GLU A 157 12.78 -28.16 19.32
N PHE A 158 12.61 -26.96 18.76
CA PHE A 158 11.37 -26.61 18.08
C PHE A 158 11.49 -26.56 16.56
N GLU A 159 12.66 -26.92 15.99
CA GLU A 159 12.81 -26.84 14.54
C GLU A 159 12.03 -27.95 13.83
N GLY A 160 11.96 -29.13 14.44
CA GLY A 160 11.28 -30.25 13.82
C GLY A 160 12.24 -31.16 13.09
N PRO A 161 11.77 -31.77 12.01
CA PRO A 161 12.57 -32.79 11.33
C PRO A 161 13.78 -32.17 10.63
N ASP A 162 14.67 -33.06 10.18
CA ASP A 162 15.90 -32.69 9.49
C ASP A 162 15.57 -32.40 8.02
N GLU A 163 14.82 -31.32 7.82
CA GLU A 163 14.35 -30.91 6.50
C GLU A 163 14.58 -29.41 6.34
N TYR A 164 15.33 -29.04 5.29
CA TYR A 164 15.62 -27.63 4.98
C TYR A 164 16.26 -26.93 6.16
N ARG A 165 17.14 -27.63 6.87
CA ARG A 165 17.79 -27.03 8.03
C ARG A 165 18.86 -26.02 7.64
N HIS A 166 19.13 -25.84 6.35
CA HIS A 166 20.08 -24.85 5.87
C HIS A 166 19.46 -23.47 5.69
N VAL A 167 18.15 -23.33 5.89
CA VAL A 167 17.52 -22.02 5.93
C VAL A 167 16.88 -21.86 7.30
N SER A 168 16.67 -20.61 7.69
CA SER A 168 16.17 -20.30 9.02
C SER A 168 14.66 -20.21 9.02
N SER A 169 14.06 -20.54 10.16
CA SER A 169 12.62 -20.45 10.31
C SER A 169 12.17 -19.14 10.95
N LYS A 170 13.04 -18.13 10.98
CA LYS A 170 12.64 -16.84 11.53
C LYS A 170 11.61 -16.17 10.63
N VAL A 171 10.70 -15.43 11.26
CA VAL A 171 9.74 -14.62 10.54
C VAL A 171 9.99 -13.16 10.91
N ASP A 172 9.49 -12.27 10.07
CA ASP A 172 9.82 -10.86 10.17
C ASP A 172 8.67 -9.99 10.67
N ALA A 173 7.48 -10.57 10.84
CA ALA A 173 6.32 -9.86 11.35
C ALA A 173 5.25 -10.88 11.69
N VAL A 174 4.54 -10.65 12.79
CA VAL A 174 3.56 -11.58 13.31
C VAL A 174 2.25 -10.86 13.54
N ALA A 175 1.18 -11.36 12.94
CA ALA A 175 -0.17 -10.87 13.21
C ALA A 175 -0.94 -11.94 13.97
N ASP A 176 -1.54 -11.55 15.09
CA ASP A 176 -2.14 -12.50 16.03
C ASP A 176 -3.59 -12.11 16.26
N TRP A 177 -4.51 -12.95 15.78
CA TRP A 177 -5.94 -12.78 16.03
C TRP A 177 -6.35 -13.71 17.17
N PHE A 178 -6.65 -13.11 18.32
CA PHE A 178 -7.14 -13.80 19.54
C PHE A 178 -6.49 -15.16 19.74
N GLY A 179 -5.17 -15.19 19.66
CA GLY A 179 -4.42 -16.41 19.92
C GLY A 179 -4.18 -16.64 21.40
N PRO A 180 -4.30 -17.90 21.84
CA PRO A 180 -3.95 -18.23 23.23
C PRO A 180 -2.49 -17.88 23.53
N VAL A 181 -2.27 -17.37 24.74
CA VAL A 181 -1.00 -16.76 25.11
C VAL A 181 -0.37 -17.44 26.32
N ASP A 182 -1.17 -17.72 27.35
CA ASP A 182 -0.68 -18.30 28.59
C ASP A 182 -1.68 -19.39 28.96
N LEU A 183 -1.29 -20.64 28.70
CA LEU A 183 -2.21 -21.76 28.89
C LEU A 183 -2.64 -21.89 30.35
N LEU A 184 -1.78 -21.50 31.29
CA LEU A 184 -2.09 -21.65 32.70
C LEU A 184 -3.00 -20.56 33.24
N SER A 185 -3.16 -19.45 32.52
CA SER A 185 -4.01 -18.35 32.97
C SER A 185 -5.31 -18.25 32.20
N MSE A 186 -5.51 -19.09 31.18
CA MSE A 186 -6.75 -19.12 30.40
C MSE A 186 -8.02 -19.17 31.26
O MSE A 186 -8.96 -18.41 31.02
CB MSE A 186 -6.76 -20.35 29.46
CG MSE A 186 -5.75 -20.30 28.31
SE MSE A 186 -6.47 -19.39 26.75
CE MSE A 186 -7.64 -20.77 26.13
N SER A 187 -8.04 -20.04 32.26
CA SER A 187 -9.22 -20.27 33.07
C SER A 187 -9.48 -19.17 34.09
N LYS A 188 -8.66 -18.13 34.12
CA LYS A 188 -8.82 -17.03 35.05
C LYS A 188 -10.02 -16.14 34.72
N TYR A 189 -10.58 -16.26 33.52
CA TYR A 189 -11.64 -15.39 33.03
C TYR A 189 -12.72 -16.24 32.39
N PRO A 190 -13.94 -15.72 32.28
CA PRO A 190 -15.05 -16.52 31.75
C PRO A 190 -14.80 -16.98 30.31
N SER A 191 -15.42 -18.10 29.96
CA SER A 191 -15.31 -18.75 28.66
C SER A 191 -16.30 -19.88 28.62
N ILE A 192 -16.74 -20.25 27.41
CA ILE A 192 -17.63 -21.40 27.26
C ILE A 192 -16.87 -22.72 27.32
N PHE A 193 -15.54 -22.69 27.23
CA PHE A 193 -14.73 -23.85 27.53
C PHE A 193 -14.30 -23.82 29.00
N ASP A 194 -14.15 -25.02 29.57
CA ASP A 194 -13.36 -25.19 30.79
C ASP A 194 -11.95 -25.53 30.32
N HIS A 195 -11.13 -24.49 30.13
CA HIS A 195 -9.79 -24.70 29.58
C HIS A 195 -8.89 -25.49 30.51
N ASP A 196 -9.27 -25.68 31.77
CA ASP A 196 -8.51 -26.53 32.68
C ASP A 196 -8.90 -28.00 32.57
N SER A 197 -10.02 -28.31 31.92
CA SER A 197 -10.47 -29.68 31.79
C SER A 197 -9.46 -30.50 30.98
N PRO A 198 -9.31 -31.79 31.30
CA PRO A 198 -8.44 -32.65 30.46
C PRO A 198 -8.90 -32.72 29.02
N ASN A 199 -10.16 -32.41 28.74
CA ASN A 199 -10.72 -32.44 27.40
C ASN A 199 -10.60 -31.11 26.66
N SER A 200 -10.07 -30.09 27.30
CA SER A 200 -9.94 -28.79 26.63
C SER A 200 -8.97 -28.90 25.46
N PRO A 201 -9.11 -28.03 24.47
CA PRO A 201 -8.09 -28.00 23.39
C PRO A 201 -6.69 -27.77 23.90
N GLU A 202 -6.54 -26.98 24.98
CA GLU A 202 -5.21 -26.72 25.53
C GLU A 202 -4.63 -27.97 26.17
N SER A 203 -5.44 -28.69 26.94
CA SER A 203 -4.95 -29.88 27.61
C SER A 203 -4.61 -30.98 26.61
N LYS A 204 -5.44 -31.13 25.59
CA LYS A 204 -5.13 -32.10 24.54
C LYS A 204 -3.91 -31.69 23.74
N LEU A 205 -3.68 -30.39 23.57
CA LEU A 205 -2.48 -29.93 22.87
C LEU A 205 -1.22 -30.46 23.53
N ILE A 206 -1.16 -30.39 24.87
CA ILE A 206 0.05 -30.79 25.59
C ILE A 206 -0.03 -32.22 26.11
N GLY A 207 -1.18 -32.88 26.03
CA GLY A 207 -1.29 -34.27 26.43
C GLY A 207 -1.77 -34.51 27.83
N GLY A 208 -2.45 -33.54 28.45
CA GLY A 208 -2.94 -33.69 29.81
C GLY A 208 -3.43 -32.38 30.39
N ALA A 209 -4.19 -32.46 31.48
CA ALA A 209 -4.77 -31.27 32.11
C ALA A 209 -3.68 -30.25 32.44
N VAL A 210 -3.91 -29.00 32.00
CA VAL A 210 -2.84 -28.00 31.97
C VAL A 210 -2.30 -27.72 33.37
N GLN A 211 -3.17 -27.65 34.37
CA GLN A 211 -2.72 -27.31 35.71
C GLN A 211 -1.91 -28.43 36.36
N GLU A 212 -2.04 -29.67 35.86
CA GLU A 212 -1.24 -30.78 36.36
C GLU A 212 0.06 -30.98 35.59
N ASN A 213 0.19 -30.37 34.42
CA ASN A 213 1.36 -30.51 33.57
C ASN A 213 1.94 -29.12 33.26
N ARG A 214 2.28 -28.40 34.32
CA ARG A 214 2.62 -26.98 34.17
C ARG A 214 3.90 -26.78 33.37
N VAL A 215 4.84 -27.73 33.43
CA VAL A 215 6.07 -27.60 32.67
C VAL A 215 5.76 -27.60 31.18
N GLN A 216 4.99 -28.59 30.71
CA GLN A 216 4.64 -28.64 29.30
C GLN A 216 3.71 -27.51 28.90
N ALA A 217 2.81 -27.10 29.80
CA ALA A 217 1.92 -25.99 29.48
C ALA A 217 2.70 -24.69 29.30
N LYS A 218 3.71 -24.46 30.14
CA LYS A 218 4.52 -23.27 30.00
C LYS A 218 5.38 -23.32 28.74
N GLN A 219 5.93 -24.49 28.42
CA GLN A 219 6.68 -24.63 27.17
C GLN A 219 5.82 -24.33 25.96
N ALA A 220 4.52 -24.61 26.05
CA ALA A 220 3.60 -24.40 24.94
C ALA A 220 2.96 -23.01 24.96
N SER A 221 3.39 -22.13 25.85
CA SER A 221 2.77 -20.82 26.00
C SER A 221 3.65 -19.73 25.41
N PRO A 222 3.15 -18.96 24.44
CA PRO A 222 3.91 -17.79 23.95
C PRO A 222 4.44 -16.89 25.04
N ILE A 223 3.71 -16.74 26.17
CA ILE A 223 4.15 -15.82 27.22
C ILE A 223 5.52 -16.20 27.76
N SER A 224 5.88 -17.48 27.68
CA SER A 224 7.17 -17.95 28.20
C SER A 224 8.35 -17.45 27.38
N TYR A 225 8.12 -16.86 26.22
CA TYR A 225 9.19 -16.50 25.30
C TYR A 225 9.26 -15.01 25.00
N VAL A 226 8.50 -14.18 25.71
CA VAL A 226 8.42 -12.75 25.38
C VAL A 226 9.74 -12.03 25.62
N HIS A 227 10.62 -12.57 26.47
CA HIS A 227 11.92 -11.97 26.69
C HIS A 227 12.88 -12.19 25.54
N ARG A 228 12.56 -13.10 24.62
CA ARG A 228 13.50 -13.37 23.54
C ARG A 228 13.34 -12.31 22.44
N GLU A 229 14.28 -12.30 21.50
CA GLU A 229 14.17 -11.35 20.41
C GLU A 229 12.95 -11.71 19.56
N ALA A 230 12.29 -10.68 19.04
CA ALA A 230 10.99 -10.84 18.42
C ALA A 230 10.86 -9.90 17.24
N PRO A 231 10.16 -10.32 16.19
CA PRO A 231 9.77 -9.38 15.15
C PRO A 231 8.66 -8.47 15.64
N PRO A 232 8.32 -7.42 14.89
CA PRO A 232 7.13 -6.64 15.22
C PRO A 232 5.89 -7.54 15.31
N ILE A 233 5.03 -7.25 16.29
CA ILE A 233 3.88 -8.08 16.56
C ILE A 233 2.61 -7.23 16.55
N LEU A 234 1.58 -7.71 15.86
CA LEU A 234 0.25 -7.12 15.85
C LEU A 234 -0.71 -8.05 16.55
N ILE A 235 -1.50 -7.51 17.48
CA ILE A 235 -2.44 -8.27 18.29
C ILE A 235 -3.82 -7.64 18.12
N MSE A 236 -4.81 -8.46 17.80
CA MSE A 236 -6.19 -7.98 17.73
C MSE A 236 -7.10 -8.97 18.43
O MSE A 236 -7.01 -10.17 18.22
CB MSE A 236 -6.61 -7.77 16.27
CG MSE A 236 -5.70 -6.78 15.53
SE MSE A 236 -6.03 -6.65 13.62
CE MSE A 236 -7.86 -5.98 13.68
N HIS A 237 -7.99 -8.45 19.27
CA HIS A 237 -8.83 -9.30 20.11
C HIS A 237 -10.14 -8.59 20.39
N GLY A 238 -11.25 -9.30 20.24
CA GLY A 238 -12.54 -8.73 20.59
C GLY A 238 -12.81 -8.82 22.09
N ASP A 239 -13.49 -7.80 22.62
CA ASP A 239 -13.75 -7.78 24.06
C ASP A 239 -14.94 -8.64 24.48
N GLN A 240 -15.65 -9.26 23.53
CA GLN A 240 -16.72 -10.19 23.84
C GLN A 240 -16.34 -11.63 23.55
N ASP A 241 -15.06 -11.90 23.31
CA ASP A 241 -14.62 -13.25 22.96
C ASP A 241 -14.89 -14.22 24.10
N ASP A 242 -15.79 -15.17 23.89
CA ASP A 242 -16.14 -16.15 24.90
C ASP A 242 -15.39 -17.47 24.73
N VAL A 243 -14.38 -17.51 23.87
CA VAL A 243 -13.56 -18.69 23.67
C VAL A 243 -12.14 -18.49 24.19
N VAL A 244 -11.46 -17.45 23.71
CA VAL A 244 -10.16 -17.06 24.23
C VAL A 244 -10.36 -15.75 25.00
N PRO A 245 -10.14 -15.73 26.31
CA PRO A 245 -10.35 -14.50 27.07
C PRO A 245 -9.56 -13.34 26.49
N TYR A 246 -10.24 -12.21 26.35
CA TYR A 246 -9.60 -10.99 25.88
C TYR A 246 -8.33 -10.68 26.67
N GLN A 247 -8.35 -10.97 27.96
N GLN A 247 -8.34 -10.94 27.98
CA GLN A 247 -7.24 -10.68 28.86
CA GLN A 247 -7.18 -10.58 28.78
C GLN A 247 -5.97 -11.41 28.47
C GLN A 247 -5.94 -11.40 28.46
N GLN A 248 -6.07 -12.49 27.71
CA GLN A 248 -4.88 -13.19 27.20
C GLN A 248 -4.03 -12.25 26.36
N SER A 249 -4.67 -11.52 25.45
CA SER A 249 -3.94 -10.61 24.57
C SER A 249 -3.40 -9.40 25.32
N VAL A 250 -4.16 -8.90 26.30
CA VAL A 250 -3.63 -7.85 27.16
C VAL A 250 -2.37 -8.33 27.89
N GLN A 251 -2.44 -9.53 28.46
CA GLN A 251 -1.28 -10.08 29.16
C GLN A 251 -0.09 -10.18 28.23
N LEU A 252 -0.29 -10.66 26.99
CA LEU A 252 0.80 -10.72 26.02
C LEU A 252 1.33 -9.32 25.70
N PHE A 253 0.41 -8.38 25.44
CA PHE A 253 0.81 -7.04 25.04
C PHE A 253 1.65 -6.36 26.12
N GLU A 254 1.17 -6.41 27.37
CA GLU A 254 1.90 -5.77 28.45
C GLU A 254 3.27 -6.40 28.66
N ALA A 255 3.38 -7.71 28.51
CA ALA A 255 4.69 -8.35 28.69
C ALA A 255 5.63 -8.03 27.53
N LEU A 256 5.12 -7.98 26.30
CA LEU A 256 5.94 -7.58 25.17
C LEU A 256 6.47 -6.16 25.34
N ILE A 257 5.61 -5.24 25.77
CA ILE A 257 6.03 -3.85 25.99
C ILE A 257 7.10 -3.78 27.08
N LYS A 258 6.92 -4.56 28.14
CA LYS A 258 7.89 -4.55 29.24
C LYS A 258 9.26 -5.02 28.78
N GLU A 259 9.31 -5.93 27.80
CA GLU A 259 10.59 -6.37 27.26
C GLU A 259 11.13 -5.45 26.17
N GLY A 260 10.45 -4.33 25.88
CA GLY A 260 10.93 -3.40 24.88
C GLY A 260 10.62 -3.79 23.45
N HIS A 261 9.68 -4.69 23.22
CA HIS A 261 9.38 -5.11 21.86
C HIS A 261 8.44 -4.12 21.16
N ASP A 262 8.43 -4.20 19.84
CA ASP A 262 7.57 -3.40 18.98
C ASP A 262 6.24 -4.13 18.87
N ALA A 263 5.27 -3.75 19.69
CA ALA A 263 3.98 -4.42 19.73
C ALA A 263 2.87 -3.41 19.50
N LEU A 264 1.85 -3.83 18.75
CA LEU A 264 0.67 -3.02 18.47
C LEU A 264 -0.55 -3.87 18.80
N MSE A 265 -1.46 -3.30 19.58
CA MSE A 265 -2.67 -4.05 19.91
C MSE A 265 -3.96 -3.26 19.65
O MSE A 265 -4.06 -2.09 19.98
CB MSE A 265 -2.65 -4.50 21.38
CG MSE A 265 -3.93 -5.19 21.77
SE MSE A 265 -3.87 -6.13 23.46
CE MSE A 265 -5.73 -6.68 23.56
N TYR A 266 -4.95 -3.96 19.10
CA TYR A 266 -6.28 -3.42 18.92
C TYR A 266 -7.28 -4.22 19.73
N LYS A 267 -8.05 -3.53 20.56
CA LYS A 267 -9.27 -4.06 21.13
C LYS A 267 -10.41 -3.82 20.15
N ILE A 268 -11.07 -4.88 19.69
CA ILE A 268 -12.20 -4.75 18.79
C ILE A 268 -13.46 -4.71 19.64
N ASN A 269 -13.99 -3.50 19.85
CA ASN A 269 -15.15 -3.32 20.73
C ASN A 269 -16.38 -3.96 20.12
N GLY A 270 -17.06 -4.80 20.90
CA GLY A 270 -18.27 -5.47 20.44
C GLY A 270 -18.04 -6.69 19.58
N ALA A 271 -16.80 -7.08 19.34
CA ALA A 271 -16.50 -8.27 18.56
C ALA A 271 -16.20 -9.45 19.48
N GLY A 272 -16.56 -10.64 19.02
CA GLY A 272 -16.24 -11.85 19.74
C GLY A 272 -15.25 -12.72 19.02
N HIS A 273 -15.40 -14.03 19.18
CA HIS A 273 -14.49 -15.02 18.62
C HIS A 273 -14.89 -15.29 17.17
N ASN A 274 -14.57 -14.33 16.30
CA ASN A 274 -14.80 -14.44 14.86
C ASN A 274 -13.69 -13.66 14.17
N GLY A 275 -13.25 -14.17 13.03
CA GLY A 275 -12.28 -13.44 12.23
C GLY A 275 -12.70 -11.99 12.00
N PHE A 276 -11.75 -11.07 12.05
CA PHE A 276 -12.05 -9.64 11.88
C PHE A 276 -12.04 -9.31 10.39
N THR A 277 -13.04 -9.85 9.70
CA THR A 277 -13.08 -9.83 8.24
C THR A 277 -13.78 -8.61 7.67
N GLN A 278 -14.16 -7.65 8.51
CA GLN A 278 -14.70 -6.40 7.97
C GLN A 278 -13.55 -5.55 7.44
N ALA A 279 -13.87 -4.69 6.46
CA ALA A 279 -12.83 -4.00 5.69
C ALA A 279 -11.94 -3.15 6.59
N HIS A 280 -12.53 -2.42 7.55
CA HIS A 280 -11.72 -1.54 8.39
C HIS A 280 -10.82 -2.32 9.33
N THR A 281 -11.15 -3.57 9.66
CA THR A 281 -10.25 -4.35 10.49
C THR A 281 -9.21 -5.09 9.67
N LEU A 282 -9.56 -5.56 8.46
CA LEU A 282 -8.55 -6.15 7.59
C LEU A 282 -7.50 -5.10 7.20
N ASP A 283 -7.91 -3.84 7.06
CA ASP A 283 -6.96 -2.77 6.72
C ASP A 283 -5.85 -2.64 7.77
N ILE A 284 -6.17 -2.92 9.03
CA ILE A 284 -5.14 -2.85 10.06
C ILE A 284 -4.06 -3.88 9.81
N VAL A 285 -4.47 -5.11 9.47
CA VAL A 285 -3.52 -6.16 9.13
C VAL A 285 -2.70 -5.76 7.92
N LYS A 286 -3.35 -5.19 6.90
CA LYS A 286 -2.65 -4.78 5.69
C LYS A 286 -1.64 -3.68 5.99
N SER A 287 -2.02 -2.68 6.80
CA SER A 287 -1.10 -1.61 7.14
C SER A 287 0.09 -2.14 7.92
N PHE A 288 -0.14 -3.09 8.83
CA PHE A 288 0.94 -3.67 9.62
C PHE A 288 1.96 -4.38 8.73
N PHE A 289 1.49 -5.27 7.86
CA PHE A 289 2.43 -6.00 7.02
C PHE A 289 3.09 -5.11 5.99
N ARG A 290 2.39 -4.08 5.50
CA ARG A 290 3.04 -3.15 4.58
C ARG A 290 4.21 -2.45 5.26
N LYS A 291 4.01 -2.02 6.51
CA LYS A 291 5.07 -1.32 7.23
C LYS A 291 6.31 -2.18 7.37
N HIS A 292 6.14 -3.45 7.72
CA HIS A 292 7.29 -4.25 8.10
C HIS A 292 7.81 -5.14 6.96
N LEU A 293 6.98 -5.50 6.00
CA LEU A 293 7.43 -6.31 4.87
C LEU A 293 7.69 -5.49 3.62
N LYS A 294 7.16 -4.27 3.55
CA LYS A 294 7.49 -3.31 2.51
C LYS A 294 7.26 -3.83 1.09
N PRO A 295 6.05 -4.31 0.77
CA PRO A 295 5.76 -4.68 -0.61
C PRO A 295 5.91 -3.48 -1.53
N GLY A 296 6.23 -3.76 -2.80
CA GLY A 296 6.45 -2.71 -3.76
C GLY A 296 7.78 -2.01 -3.65
N LYS A 297 8.55 -2.25 -2.58
CA LYS A 297 9.90 -1.74 -2.41
C LYS A 297 10.92 -2.81 -2.80
N ALA A 298 11.93 -2.41 -3.55
N ALA A 298 12.09 -2.40 -3.29
CA ALA A 298 13.04 -3.28 -3.84
CA ALA A 298 13.11 -3.36 -3.71
C ALA A 298 13.82 -3.51 -2.56
C ALA A 298 14.52 -3.00 -3.19
N HIS A 299 14.17 -4.77 -2.30
N HIS A 299 14.77 -3.25 -1.91
CA HIS A 299 14.77 -5.12 -1.03
CA HIS A 299 16.11 -3.13 -1.34
C HIS A 299 16.06 -5.91 -1.25
C HIS A 299 16.57 -4.48 -0.78
N HIS A 300 17.12 -5.45 -0.60
N HIS A 300 17.89 -4.68 -0.75
CA HIS A 300 18.38 -6.17 -0.52
CA HIS A 300 18.51 -5.98 -0.54
C HIS A 300 18.78 -6.27 0.94
C HIS A 300 18.89 -6.18 0.94
N HIS A 301 19.71 -7.19 1.21
CA HIS A 301 20.14 -7.51 2.56
C HIS A 301 21.42 -6.74 2.90
N HIS A 302 21.33 -5.84 3.87
CA HIS A 302 22.50 -5.09 4.34
C HIS A 302 22.61 -5.18 5.86
N THR B 2 -23.64 0.45 4.34
CA THR B 2 -24.53 0.91 5.40
C THR B 2 -24.06 2.25 5.93
N ASN B 3 -24.86 2.84 6.83
CA ASN B 3 -24.49 4.07 7.51
C ASN B 3 -23.79 3.82 8.84
N HIS B 4 -23.12 2.68 8.98
CA HIS B 4 -22.31 2.43 10.16
C HIS B 4 -21.13 3.40 10.21
N ILE B 5 -20.91 4.00 11.36
CA ILE B 5 -19.82 4.96 11.56
C ILE B 5 -18.72 4.25 12.33
N LYS B 6 -17.53 4.18 11.73
CA LYS B 6 -16.39 3.59 12.42
C LYS B 6 -15.96 4.50 13.57
N GLU B 7 -15.44 3.88 14.62
CA GLU B 7 -14.92 4.60 15.76
C GLU B 7 -13.53 4.09 16.09
N ILE B 8 -12.63 5.02 16.40
CA ILE B 8 -11.27 4.68 16.77
C ILE B 8 -10.86 5.65 17.86
N ASN B 9 -9.94 5.23 18.73
CA ASN B 9 -9.57 6.08 19.85
C ASN B 9 -8.37 6.94 19.48
N TRP B 10 -7.94 7.77 20.42
CA TRP B 10 -6.94 8.81 20.17
C TRP B 10 -6.08 8.93 21.41
N GLU B 11 -4.78 8.81 21.23
CA GLU B 11 -3.85 8.85 22.36
C GLU B 11 -3.69 10.29 22.83
N GLN B 12 -3.87 10.53 24.12
CA GLN B 12 -3.75 11.86 24.68
C GLN B 12 -2.31 12.20 24.99
N ASN B 13 -2.01 13.50 25.01
CA ASN B 13 -0.71 14.03 25.44
C ASN B 13 0.43 13.42 24.64
N THR B 14 0.29 13.45 23.32
CA THR B 14 1.22 12.78 22.41
C THR B 14 1.65 13.77 21.32
N ASN B 15 2.96 13.85 21.09
CA ASN B 15 3.51 14.63 20.00
C ASN B 15 3.52 13.76 18.75
N SER B 16 2.73 14.14 17.75
CA SER B 16 2.73 13.40 16.49
C SER B 16 2.76 14.28 15.26
N TYR B 17 2.54 15.59 15.37
CA TYR B 17 2.59 16.48 14.22
C TYR B 17 4.02 17.00 14.09
N ILE B 18 4.63 16.74 12.93
CA ILE B 18 5.92 17.32 12.57
C ILE B 18 5.65 18.49 11.65
N GLN B 19 6.03 19.68 12.07
CA GLN B 19 5.80 20.89 11.30
C GLN B 19 7.06 21.32 10.57
N LEU B 20 6.91 21.72 9.32
CA LEU B 20 7.97 22.38 8.57
C LEU B 20 7.76 23.87 8.69
N ILE B 21 8.76 24.56 9.22
CA ILE B 21 8.74 26.01 9.42
C ILE B 21 9.81 26.62 8.51
N PRO B 22 9.43 27.15 7.36
CA PRO B 22 10.43 27.57 6.37
C PRO B 22 10.84 29.02 6.51
N ASN B 23 12.01 29.32 5.93
CA ASN B 23 12.45 30.69 5.67
C ASN B 23 12.66 31.50 6.94
N ILE B 24 13.22 30.86 7.97
CA ILE B 24 13.58 31.59 9.19
C ILE B 24 14.87 32.35 8.91
N GLU B 25 14.83 33.68 8.98
CA GLU B 25 16.02 34.48 8.80
C GLU B 25 16.92 34.34 10.03
N TYR B 26 18.13 33.84 9.85
CA TYR B 26 19.07 33.71 10.96
C TYR B 26 20.16 34.76 10.96
N THR B 27 20.46 35.39 9.82
CA THR B 27 21.39 36.51 9.80
C THR B 27 21.09 37.36 8.58
N LYS B 28 21.70 38.55 8.55
CA LYS B 28 21.54 39.48 7.45
C LYS B 28 22.88 40.14 7.19
N VAL B 29 23.35 40.05 5.95
CA VAL B 29 24.58 40.70 5.51
C VAL B 29 24.19 41.73 4.47
N GLU B 30 24.47 43.01 4.75
CA GLU B 30 23.98 44.11 3.94
C GLU B 30 22.48 43.99 3.76
N ASP B 31 22.02 43.85 2.51
CA ASP B 31 20.61 43.65 2.21
C ASP B 31 20.27 42.17 2.01
N THR B 32 21.27 41.29 2.11
CA THR B 32 21.09 39.87 1.85
C THR B 32 20.71 39.15 3.15
N SER B 33 19.48 38.69 3.22
CA SER B 33 19.01 37.85 4.32
C SER B 33 19.32 36.39 4.03
N LEU B 34 19.76 35.66 5.06
CA LEU B 34 20.04 34.24 4.96
C LEU B 34 19.07 33.46 5.84
N THR B 35 18.54 32.36 5.32
CA THR B 35 17.48 31.64 6.01
C THR B 35 17.86 30.20 6.28
N LEU B 36 17.05 29.59 7.14
CA LEU B 36 17.08 28.16 7.39
C LEU B 36 15.63 27.67 7.47
N HIS B 37 15.42 26.40 7.13
CA HIS B 37 14.13 25.75 7.32
C HIS B 37 14.23 24.80 8.50
N LEU B 38 13.19 24.77 9.32
CA LEU B 38 13.18 23.97 10.54
C LEU B 38 12.11 22.89 10.47
N LEU B 39 12.45 21.71 10.96
CA LEU B 39 11.53 20.60 11.14
C LEU B 39 11.52 20.25 12.62
N VAL B 40 10.32 20.22 13.22
CA VAL B 40 10.20 20.05 14.66
C VAL B 40 8.85 19.42 14.97
N TYR B 41 8.81 18.59 16.01
CA TYR B 41 7.52 18.12 16.54
C TYR B 41 6.75 19.32 17.08
N ARG B 42 5.73 19.76 16.35
CA ARG B 42 4.94 20.92 16.74
C ARG B 42 3.59 20.84 16.06
N ASN B 43 2.52 20.94 16.86
CA ASN B 43 1.16 21.01 16.33
C ASN B 43 0.85 22.48 16.09
N PRO B 44 0.77 22.93 14.83
CA PRO B 44 0.51 24.36 14.59
C PRO B 44 -0.79 24.86 15.20
N MSE B 45 -1.72 23.96 15.50
CA MSE B 45 -2.97 24.32 16.14
C MSE B 45 -2.70 24.90 17.53
O MSE B 45 -3.47 25.73 18.02
CB MSE B 45 -3.88 23.11 16.23
CG MSE B 45 -5.34 23.40 16.13
SE MSE B 45 -5.84 24.18 14.42
CE MSE B 45 -6.22 22.55 13.39
N ASP B 46 -1.60 24.48 18.16
CA ASP B 46 -1.29 24.91 19.53
C ASP B 46 -1.03 26.41 19.60
N ALA B 47 -0.10 26.91 18.77
CA ALA B 47 0.15 28.34 18.74
C ALA B 47 -1.08 29.11 18.31
N LEU B 48 -1.80 28.57 17.31
CA LEU B 48 -2.95 29.26 16.75
C LEU B 48 -4.00 29.57 17.82
N PHE B 49 -4.20 28.65 18.77
CA PHE B 49 -5.19 28.85 19.82
C PHE B 49 -4.56 29.09 21.18
N ASN B 50 -3.30 29.54 21.20
CA ASN B 50 -2.60 29.96 22.43
C ASN B 50 -2.60 28.86 23.48
N ARG B 51 -2.51 27.60 23.06
CA ARG B 51 -2.34 26.49 23.99
C ARG B 51 -0.86 26.31 24.30
N LYS B 52 -0.59 25.74 25.48
CA LYS B 52 0.76 25.32 25.82
C LYS B 52 1.24 24.29 24.81
N GLY B 53 2.46 24.46 24.31
CA GLY B 53 3.00 23.64 23.27
C GLY B 53 3.85 22.50 23.77
N ASN B 54 4.61 21.92 22.84
CA ASN B 54 5.52 20.83 23.15
C ASN B 54 6.66 21.33 24.02
N GLN B 55 6.84 20.73 25.20
CA GLN B 55 7.91 21.12 26.11
C GLN B 55 9.17 20.27 25.96
N GLU B 56 9.15 19.23 25.14
CA GLU B 56 10.33 18.41 24.94
C GLU B 56 11.43 19.21 24.25
N THR B 57 12.68 18.84 24.55
CA THR B 57 13.82 19.28 23.77
C THR B 57 14.44 18.06 23.10
N TYR B 58 15.09 18.31 21.96
CA TYR B 58 15.64 17.25 21.13
C TYR B 58 17.04 17.66 20.68
N PRO B 59 17.90 16.68 20.43
CA PRO B 59 19.18 17.01 19.76
C PRO B 59 18.89 17.54 18.37
N LEU B 60 19.84 18.33 17.87
CA LEU B 60 19.67 19.05 16.61
C LEU B 60 20.59 18.46 15.55
N ILE B 61 20.07 18.31 14.34
CA ILE B 61 20.87 18.02 13.16
C ILE B 61 20.72 19.18 12.19
N ILE B 62 21.84 19.75 11.76
CA ILE B 62 21.86 20.80 10.75
C ILE B 62 22.27 20.18 9.44
N TYR B 63 21.47 20.39 8.40
CA TYR B 63 21.81 19.95 7.06
C TYR B 63 22.31 21.11 6.22
N LEU B 64 23.40 20.89 5.49
CA LEU B 64 24.01 21.89 4.61
C LEU B 64 23.97 21.37 3.19
N GLN B 65 23.02 21.86 2.40
CA GLN B 65 22.89 21.45 1.00
C GLN B 65 24.06 21.96 0.18
N GLY B 66 24.63 21.10 -0.66
CA GLY B 66 25.71 21.50 -1.52
C GLY B 66 25.23 22.20 -2.77
N CYS B 67 26.16 22.94 -3.40
CA CYS B 67 25.81 23.74 -4.58
C CYS B 67 27.08 24.24 -5.28
N GLY B 68 28.21 23.62 -5.00
CA GLY B 68 29.48 24.17 -5.47
C GLY B 68 29.74 25.56 -4.94
N TRP B 69 29.27 25.87 -3.73
CA TRP B 69 29.38 27.19 -3.12
C TRP B 69 28.87 28.28 -4.06
N GLY B 70 27.75 28.01 -4.73
CA GLY B 70 27.15 28.99 -5.61
C GLY B 70 27.38 28.76 -7.08
N TRP B 71 28.15 27.73 -7.47
CA TRP B 71 28.21 27.35 -8.87
C TRP B 71 26.80 27.15 -9.44
N THR B 72 25.93 26.54 -8.66
CA THR B 72 24.49 26.64 -8.86
C THR B 72 23.88 27.27 -7.61
N LYS B 73 22.68 27.80 -7.77
CA LYS B 73 22.01 28.45 -6.64
C LYS B 73 21.59 27.40 -5.60
N GLN B 74 21.99 27.63 -4.35
CA GLN B 74 21.72 26.65 -3.30
C GLN B 74 20.22 26.48 -3.11
N ASP B 75 19.78 25.22 -3.09
CA ASP B 75 18.38 24.86 -2.92
C ASP B 75 18.26 24.18 -1.56
N THR B 76 17.85 24.94 -0.55
CA THR B 76 17.74 24.44 0.82
C THR B 76 16.46 23.67 1.08
N SER B 77 15.55 23.60 0.10
CA SER B 77 14.30 22.87 0.29
C SER B 77 14.35 21.46 -0.24
N ALA B 78 15.22 21.20 -1.23
CA ALA B 78 15.11 19.97 -2.02
C ALA B 78 15.22 18.72 -1.16
N PHE B 79 16.18 18.70 -0.23
CA PHE B 79 16.50 17.52 0.55
C PHE B 79 15.57 17.29 1.73
N ILE B 80 14.71 18.26 2.06
CA ILE B 80 13.89 18.24 3.27
C ILE B 80 13.12 16.94 3.46
N PRO B 81 12.54 16.30 2.43
CA PRO B 81 11.85 15.03 2.68
C PRO B 81 12.74 13.94 3.25
N GLN B 82 14.04 13.97 2.96
CA GLN B 82 14.96 13.02 3.57
C GLN B 82 15.23 13.35 5.03
N LEU B 83 15.04 14.60 5.45
CA LEU B 83 15.27 14.97 6.83
C LEU B 83 14.09 14.64 7.74
N VAL B 84 12.89 14.47 7.15
CA VAL B 84 11.70 14.21 7.96
C VAL B 84 11.82 12.93 8.78
N PRO B 85 12.28 11.79 8.23
CA PRO B 85 12.45 10.60 9.07
C PRO B 85 13.44 10.77 10.20
N PHE B 86 14.34 11.75 10.13
CA PHE B 86 15.21 12.01 11.28
C PHE B 86 14.43 12.64 12.42
N VAL B 87 13.55 13.59 12.13
CA VAL B 87 12.70 14.18 13.16
C VAL B 87 11.91 13.10 13.87
N GLU B 88 11.36 12.14 13.11
CA GLU B 88 10.57 11.07 13.70
C GLU B 88 11.36 10.30 14.76
N GLN B 89 12.68 10.25 14.63
CA GLN B 89 13.51 9.57 15.62
C GLN B 89 13.85 10.45 16.82
N GLY B 90 13.33 11.66 16.91
CA GLY B 90 13.56 12.48 18.08
C GLY B 90 14.63 13.54 17.89
N TYR B 91 14.64 14.21 16.74
CA TYR B 91 15.53 15.32 16.48
C TYR B 91 14.71 16.54 16.07
N VAL B 92 15.33 17.71 16.24
CA VAL B 92 14.98 18.89 15.47
C VAL B 92 15.98 18.96 14.33
N VAL B 93 15.51 19.32 13.14
CA VAL B 93 16.39 19.42 11.98
C VAL B 93 16.25 20.80 11.36
N ALA B 94 17.38 21.38 10.97
CA ALA B 94 17.42 22.65 10.27
C ALA B 94 18.24 22.48 9.00
N SER B 95 17.74 23.01 7.89
CA SER B 95 18.46 23.07 6.63
C SER B 95 18.86 24.52 6.40
N VAL B 96 20.17 24.78 6.31
CA VAL B 96 20.73 26.13 6.43
C VAL B 96 21.24 26.62 5.08
N GLN B 97 20.87 27.85 4.74
CA GLN B 97 21.41 28.54 3.57
C GLN B 97 22.73 29.23 3.92
N TYR B 98 23.68 29.22 2.97
CA TYR B 98 24.89 30.01 3.06
C TYR B 98 25.13 30.71 1.74
N ARG B 99 25.94 31.77 1.77
CA ARG B 99 26.14 32.60 0.59
C ARG B 99 26.99 31.87 -0.44
N GLY B 100 26.73 32.19 -1.72
CA GLY B 100 27.58 31.72 -2.79
C GLY B 100 28.83 32.56 -2.95
N SER B 101 29.82 31.98 -3.63
CA SER B 101 31.09 32.66 -3.84
C SER B 101 30.94 33.90 -4.71
N GLY B 102 29.89 33.97 -5.52
CA GLY B 102 29.61 35.20 -6.26
C GLY B 102 29.22 36.36 -5.38
N GLU B 103 28.76 36.08 -4.16
CA GLU B 103 28.49 37.12 -3.18
C GLU B 103 29.73 37.44 -2.36
N ALA B 104 30.42 36.43 -1.84
CA ALA B 104 31.63 36.66 -1.07
C ALA B 104 32.49 35.40 -1.07
N VAL B 105 33.80 35.61 -1.08
CA VAL B 105 34.72 34.47 -1.10
C VAL B 105 34.88 33.91 0.31
N PHE B 106 35.40 32.69 0.37
CA PHE B 106 35.73 32.08 1.65
C PHE B 106 36.59 33.05 2.46
N PRO B 107 36.41 33.12 3.79
CA PRO B 107 35.61 32.30 4.70
C PRO B 107 34.15 32.71 4.91
N ALA B 108 33.57 33.50 4.00
CA ALA B 108 32.20 33.95 4.15
C ALA B 108 31.24 32.78 4.37
N GLN B 109 31.37 31.73 3.55
CA GLN B 109 30.48 30.59 3.66
C GLN B 109 30.57 29.96 5.04
N LEU B 110 31.79 29.89 5.60
CA LEU B 110 31.96 29.32 6.93
C LEU B 110 31.40 30.25 7.99
N HIS B 111 31.66 31.56 7.87
CA HIS B 111 31.01 32.54 8.74
C HIS B 111 29.51 32.31 8.80
N ASP B 112 28.89 32.02 7.65
CA ASP B 112 27.44 31.87 7.59
C ASP B 112 26.98 30.69 8.44
N VAL B 113 27.55 29.51 8.20
CA VAL B 113 27.05 28.33 8.90
C VAL B 113 27.46 28.33 10.36
N LYS B 114 28.60 28.94 10.70
CA LYS B 114 28.93 29.15 12.11
C LYS B 114 27.84 30.00 12.78
N THR B 115 27.44 31.09 12.12
CA THR B 115 26.41 31.95 12.67
C THR B 115 25.07 31.25 12.79
N ALA B 116 24.77 30.33 11.86
CA ALA B 116 23.54 29.55 11.97
C ALA B 116 23.57 28.64 13.20
N VAL B 117 24.72 28.01 13.46
CA VAL B 117 24.85 27.17 14.65
C VAL B 117 24.56 28.00 15.90
N ARG B 118 25.18 29.17 16.01
CA ARG B 118 24.98 30.00 17.20
C ARG B 118 23.55 30.52 17.27
N PHE B 119 22.97 30.89 16.13
CA PHE B 119 21.56 31.31 16.13
C PHE B 119 20.67 30.21 16.68
N LEU B 120 20.85 28.98 16.20
CA LEU B 120 20.00 27.87 16.63
C LEU B 120 20.23 27.55 18.10
N LYS B 121 21.49 27.60 18.55
CA LYS B 121 21.76 27.35 19.97
C LYS B 121 21.20 28.45 20.84
N ALA B 122 21.40 29.72 20.45
CA ALA B 122 20.92 30.83 21.26
C ALA B 122 19.41 30.87 21.36
N ASN B 123 18.72 30.50 20.28
CA ASN B 123 17.26 30.45 20.26
C ASN B 123 16.73 29.04 20.49
N ALA B 124 17.49 28.21 21.20
CA ALA B 124 17.16 26.79 21.31
C ALA B 124 15.79 26.56 21.95
N ALA B 125 15.46 27.35 22.98
CA ALA B 125 14.23 27.13 23.72
C ALA B 125 13.02 27.16 22.81
N ARG B 126 12.90 28.20 21.98
CA ARG B 126 11.71 28.35 21.16
C ARG B 126 11.67 27.41 19.96
N TYR B 127 12.73 26.66 19.71
CA TYR B 127 12.76 25.66 18.65
C TYR B 127 12.83 24.24 19.19
N ASN B 128 12.65 24.05 20.49
CA ASN B 128 12.69 22.72 21.14
C ASN B 128 14.05 22.06 20.98
N ILE B 129 15.12 22.86 20.90
CA ILE B 129 16.46 22.36 20.65
C ILE B 129 17.19 22.16 21.97
N ASP B 130 17.90 21.04 22.09
CA ASP B 130 18.89 20.86 23.15
C ASP B 130 20.23 21.36 22.60
N PRO B 131 20.68 22.54 23.02
CA PRO B 131 21.88 23.15 22.40
C PRO B 131 23.17 22.40 22.67
N ASP B 132 23.18 21.46 23.60
CA ASP B 132 24.39 20.72 23.91
C ASP B 132 24.58 19.49 23.03
N ARG B 133 23.65 19.23 22.10
CA ARG B 133 23.73 18.06 21.22
C ARG B 133 23.35 18.52 19.81
N VAL B 134 24.37 18.90 19.03
CA VAL B 134 24.17 19.44 17.69
C VAL B 134 25.03 18.67 16.71
N GLY B 135 24.41 18.08 15.70
CA GLY B 135 25.15 17.46 14.62
C GLY B 135 25.03 18.26 13.34
N VAL B 136 25.98 18.11 12.43
CA VAL B 136 25.91 18.78 11.14
C VAL B 136 26.22 17.76 10.04
N TRP B 137 25.55 17.94 8.91
CA TRP B 137 25.53 16.97 7.83
C TRP B 137 25.42 17.75 6.53
N GLY B 138 26.30 17.46 5.59
CA GLY B 138 26.31 18.19 4.34
C GLY B 138 26.78 17.31 3.21
N ASP B 139 26.33 17.66 2.00
CA ASP B 139 26.74 16.98 0.79
C ASP B 139 27.56 17.95 -0.06
N SER B 140 28.60 17.42 -0.71
CA SER B 140 29.41 18.18 -1.68
C SER B 140 29.94 19.41 -0.97
N SER B 141 29.72 20.63 -1.48
CA SER B 141 30.23 21.82 -0.79
C SER B 141 29.62 21.98 0.60
N GLY B 142 28.45 21.38 0.85
CA GLY B 142 27.92 21.38 2.19
C GLY B 142 28.70 20.48 3.13
N GLY B 143 29.14 19.32 2.64
CA GLY B 143 30.00 18.47 3.43
C GLY B 143 31.35 19.12 3.70
N HIS B 144 31.86 19.86 2.73
CA HIS B 144 33.07 20.64 2.93
C HIS B 144 32.91 21.59 4.11
N LEU B 145 31.77 22.30 4.17
CA LEU B 145 31.55 23.22 5.27
C LEU B 145 31.28 22.48 6.57
N ALA B 146 30.57 21.35 6.51
CA ALA B 146 30.34 20.55 7.70
C ALA B 146 31.66 20.09 8.32
N LEU B 147 32.61 19.66 7.48
CA LEU B 147 33.93 19.30 7.98
C LEU B 147 34.60 20.48 8.67
N LEU B 148 34.50 21.67 8.08
CA LEU B 148 35.14 22.84 8.66
C LEU B 148 34.51 23.24 9.99
N LEU B 149 33.20 23.04 10.13
CA LEU B 149 32.57 23.27 11.43
C LEU B 149 33.13 22.32 12.48
N GLY B 150 33.42 21.08 12.09
CA GLY B 150 33.98 20.14 13.04
C GLY B 150 35.43 20.41 13.37
N LEU B 151 36.20 20.93 12.41
CA LEU B 151 37.65 21.00 12.56
C LEU B 151 38.20 22.40 12.84
N THR B 152 37.36 23.45 12.79
CA THR B 152 37.84 24.80 13.04
C THR B 152 37.18 25.42 14.27
N GLU B 153 36.66 24.60 15.17
CA GLU B 153 36.09 25.11 16.41
C GLU B 153 37.13 25.93 17.16
N GLY B 154 36.73 27.12 17.60
CA GLY B 154 37.59 27.98 18.38
C GLY B 154 38.47 28.94 17.59
N ILE B 155 38.41 28.91 16.27
CA ILE B 155 39.23 29.79 15.44
C ILE B 155 38.46 31.10 15.24
N GLU B 156 38.97 32.18 15.82
CA GLU B 156 38.22 33.43 15.90
C GLU B 156 37.91 34.00 14.52
N GLU B 157 38.89 33.97 13.60
CA GLU B 157 38.64 34.54 12.27
C GLU B 157 37.59 33.78 11.46
N PHE B 158 37.05 32.67 11.96
CA PHE B 158 36.02 31.93 11.26
C PHE B 158 34.65 32.03 11.93
N GLU B 159 34.55 32.73 13.06
CA GLU B 159 33.28 32.84 13.77
C GLU B 159 32.29 33.73 13.02
N GLY B 160 32.77 34.72 12.28
CA GLY B 160 31.90 35.60 11.53
C GLY B 160 31.55 36.86 12.28
N PRO B 161 30.33 37.36 12.07
CA PRO B 161 29.94 38.64 12.66
C PRO B 161 29.69 38.53 14.15
N ASP B 162 29.50 39.69 14.77
CA ASP B 162 29.30 39.80 16.22
C ASP B 162 27.84 39.49 16.57
N GLU B 163 27.45 38.25 16.33
CA GLU B 163 26.08 37.79 16.54
C GLU B 163 26.09 36.50 17.33
N TYR B 164 25.45 36.52 18.50
CA TYR B 164 25.27 35.33 19.35
C TYR B 164 26.61 34.75 19.79
N ARG B 165 27.53 35.61 20.22
CA ARG B 165 28.84 35.14 20.65
C ARG B 165 28.84 34.58 22.07
N HIS B 166 27.74 34.72 22.81
CA HIS B 166 27.64 34.10 24.13
C HIS B 166 27.42 32.59 24.06
N VAL B 167 27.24 32.04 22.86
CA VAL B 167 27.19 30.59 22.68
C VAL B 167 28.29 30.18 21.73
N SER B 168 28.65 28.90 21.79
CA SER B 168 29.73 28.36 20.98
C SER B 168 29.19 27.80 19.67
N SER B 169 30.02 27.89 18.62
CA SER B 169 29.67 27.36 17.31
C SER B 169 30.20 25.95 17.09
N LYS B 170 30.53 25.24 18.17
CA LYS B 170 31.02 23.88 18.04
C LYS B 170 29.87 22.93 17.70
N VAL B 171 30.22 21.83 17.02
CA VAL B 171 29.28 20.77 16.72
C VAL B 171 29.80 19.50 17.37
N ASP B 172 28.89 18.54 17.56
CA ASP B 172 29.20 17.33 18.30
C ASP B 172 29.31 16.10 17.41
N ALA B 173 29.04 16.24 16.11
CA ALA B 173 29.13 15.13 15.17
C ALA B 173 29.01 15.69 13.76
N VAL B 174 29.77 15.11 12.83
CA VAL B 174 29.85 15.58 11.47
C VAL B 174 29.61 14.40 10.53
N ALA B 175 28.65 14.56 9.61
CA ALA B 175 28.41 13.60 8.54
C ALA B 175 28.80 14.26 7.22
N ASP B 176 29.70 13.62 6.49
CA ASP B 176 30.31 14.20 5.29
C ASP B 176 29.98 13.32 4.09
N TRP B 177 29.16 13.85 3.18
CA TRP B 177 28.84 13.22 1.90
C TRP B 177 29.67 13.89 0.81
N PHE B 178 30.67 13.16 0.29
CA PHE B 178 31.57 13.60 -0.77
C PHE B 178 31.88 15.10 -0.75
N GLY B 179 32.32 15.62 0.38
CA GLY B 179 32.76 17.00 0.46
C GLY B 179 34.20 17.16 0.04
N PRO B 180 34.49 18.22 -0.71
CA PRO B 180 35.90 18.54 -1.01
C PRO B 180 36.73 18.69 0.26
N VAL B 181 37.96 18.17 0.21
CA VAL B 181 38.81 18.05 1.37
C VAL B 181 40.09 18.85 1.21
N ASP B 182 40.70 18.81 0.02
CA ASP B 182 42.02 19.38 -0.23
C ASP B 182 41.92 20.00 -1.62
N LEU B 183 41.74 21.33 -1.65
CA LEU B 183 41.50 22.00 -2.92
C LEU B 183 42.66 21.83 -3.89
N LEU B 184 43.88 21.70 -3.37
CA LEU B 184 45.06 21.62 -4.21
C LEU B 184 45.30 20.23 -4.80
N SER B 185 44.67 19.19 -4.26
CA SER B 185 44.90 17.84 -4.75
C SER B 185 43.74 17.30 -5.58
N MSE B 186 42.69 18.08 -5.79
CA MSE B 186 41.51 17.62 -6.53
C MSE B 186 41.82 17.20 -7.95
O MSE B 186 41.29 16.20 -8.45
CB MSE B 186 40.44 18.70 -6.57
CG MSE B 186 40.09 19.29 -5.24
SE MSE B 186 38.19 19.63 -5.14
CE MSE B 186 37.62 17.81 -5.04
N SER B 187 42.68 17.98 -8.62
CA SER B 187 42.97 17.75 -10.03
C SER B 187 43.93 16.58 -10.27
N LYS B 188 44.33 15.86 -9.23
CA LYS B 188 45.18 14.69 -9.45
C LYS B 188 44.41 13.50 -9.97
N TYR B 189 43.08 13.57 -10.00
CA TYR B 189 42.21 12.47 -10.42
C TYR B 189 41.17 12.99 -11.39
N PRO B 190 40.62 12.11 -12.23
CA PRO B 190 39.72 12.58 -13.29
C PRO B 190 38.42 13.13 -12.72
N SER B 191 37.86 14.08 -13.46
CA SER B 191 36.61 14.74 -13.09
C SER B 191 36.05 15.40 -14.35
N ILE B 192 34.72 15.58 -14.36
CA ILE B 192 34.13 16.33 -15.47
C ILE B 192 34.40 17.82 -15.33
N PHE B 193 34.79 18.27 -14.13
CA PHE B 193 35.30 19.61 -13.91
C PHE B 193 36.80 19.64 -14.09
N ASP B 194 37.32 20.79 -14.53
CA ASP B 194 38.74 21.12 -14.39
C ASP B 194 38.83 21.97 -13.13
N HIS B 195 39.06 21.32 -11.99
CA HIS B 195 39.05 22.01 -10.72
C HIS B 195 40.15 23.05 -10.59
N ASP B 196 41.19 22.96 -11.42
CA ASP B 196 42.26 23.97 -11.42
C ASP B 196 41.92 25.19 -12.26
N SER B 197 40.86 25.15 -13.05
CA SER B 197 40.49 26.30 -13.85
C SER B 197 40.07 27.45 -12.94
N PRO B 198 40.40 28.70 -13.32
CA PRO B 198 39.88 29.84 -12.56
C PRO B 198 38.37 29.88 -12.49
N ASN B 199 37.67 29.20 -13.39
CA ASN B 199 36.21 29.17 -13.41
C ASN B 199 35.63 28.04 -12.57
N SER B 200 36.46 27.22 -11.93
CA SER B 200 35.97 26.09 -11.17
C SER B 200 35.28 26.56 -9.89
N PRO B 201 34.38 25.74 -9.34
CA PRO B 201 33.75 26.13 -8.07
C PRO B 201 34.76 26.37 -6.95
N GLU B 202 35.85 25.60 -6.94
CA GLU B 202 36.88 25.78 -5.91
C GLU B 202 37.63 27.09 -6.10
N SER B 203 37.98 27.42 -7.34
CA SER B 203 38.72 28.66 -7.58
C SER B 203 37.84 29.88 -7.30
N LYS B 204 36.58 29.83 -7.71
CA LYS B 204 35.66 30.91 -7.40
C LYS B 204 35.43 31.02 -5.89
N LEU B 205 35.46 29.89 -5.18
CA LEU B 205 35.29 29.93 -3.73
C LEU B 205 36.35 30.80 -3.06
N ILE B 206 37.61 30.66 -3.49
CA ILE B 206 38.70 31.41 -2.87
C ILE B 206 39.09 32.67 -3.63
N GLY B 207 38.57 32.88 -4.82
CA GLY B 207 38.85 34.10 -5.56
C GLY B 207 39.98 34.01 -6.55
N GLY B 208 40.39 32.81 -6.95
CA GLY B 208 41.45 32.67 -7.93
C GLY B 208 41.78 31.20 -8.12
N ALA B 209 42.47 30.93 -9.23
CA ALA B 209 42.88 29.58 -9.58
C ALA B 209 43.63 28.93 -8.42
N VAL B 210 43.15 27.75 -8.01
CA VAL B 210 43.61 27.17 -6.75
C VAL B 210 45.12 26.93 -6.75
N GLN B 211 45.66 26.41 -7.86
CA GLN B 211 47.11 26.15 -7.89
C GLN B 211 47.93 27.43 -7.88
N GLU B 212 47.30 28.57 -8.17
CA GLU B 212 47.98 29.85 -8.17
C GLU B 212 47.73 30.67 -6.91
N ASN B 213 46.97 30.13 -5.95
CA ASN B 213 46.62 30.86 -4.74
C ASN B 213 46.60 29.87 -3.57
N ARG B 214 47.79 29.32 -3.27
CA ARG B 214 47.86 28.10 -2.47
C ARG B 214 47.61 28.37 -1.00
N VAL B 215 48.11 29.50 -0.47
CA VAL B 215 47.83 29.85 0.91
C VAL B 215 46.33 29.92 1.15
N GLN B 216 45.61 30.59 0.24
CA GLN B 216 44.16 30.70 0.38
C GLN B 216 43.48 29.35 0.18
N ALA B 217 43.95 28.56 -0.79
CA ALA B 217 43.36 27.25 -1.03
C ALA B 217 43.52 26.34 0.18
N LYS B 218 44.69 26.36 0.80
CA LYS B 218 44.90 25.54 1.99
C LYS B 218 44.04 26.05 3.15
N GLN B 219 43.89 27.37 3.27
CA GLN B 219 43.03 27.91 4.33
C GLN B 219 41.60 27.40 4.20
N ALA B 220 41.12 27.23 2.97
CA ALA B 220 39.77 26.77 2.71
C ALA B 220 39.66 25.25 2.60
N SER B 221 40.70 24.52 3.00
CA SER B 221 40.73 23.06 2.87
C SER B 221 40.59 22.41 4.23
N PRO B 222 39.57 21.56 4.44
CA PRO B 222 39.49 20.80 5.69
C PRO B 222 40.76 20.02 6.01
N ILE B 223 41.54 19.62 5.01
CA ILE B 223 42.74 18.82 5.26
C ILE B 223 43.74 19.58 6.12
N SER B 224 43.76 20.92 6.02
CA SER B 224 44.72 21.71 6.77
C SER B 224 44.43 21.71 8.27
N TYR B 225 43.30 21.18 8.71
CA TYR B 225 42.85 21.33 10.09
C TYR B 225 42.76 20.01 10.84
N VAL B 226 43.21 18.91 10.26
CA VAL B 226 43.03 17.60 10.88
C VAL B 226 43.80 17.46 12.18
N HIS B 227 44.84 18.28 12.38
CA HIS B 227 45.60 18.22 13.63
C HIS B 227 44.84 18.80 14.81
N ARG B 228 43.76 19.54 14.57
CA ARG B 228 43.03 20.15 15.67
C ARG B 228 42.06 19.14 16.27
N GLU B 229 41.49 19.51 17.42
CA GLU B 229 40.47 18.69 18.04
C GLU B 229 39.24 18.63 17.15
N ALA B 230 38.52 17.51 17.23
CA ALA B 230 37.39 17.30 16.34
C ALA B 230 36.36 16.35 16.94
N PRO B 231 35.08 16.58 16.69
CA PRO B 231 34.06 15.60 17.04
C PRO B 231 34.15 14.39 16.14
N PRO B 232 33.43 13.30 16.44
CA PRO B 232 33.40 12.17 15.52
C PRO B 232 32.94 12.58 14.13
N ILE B 233 33.55 11.96 13.12
CA ILE B 233 33.32 12.32 11.71
C ILE B 233 32.93 11.06 10.95
N LEU B 234 31.85 11.17 10.17
CA LEU B 234 31.42 10.14 9.24
C LEU B 234 31.65 10.62 7.81
N ILE B 235 32.30 9.79 7.00
CA ILE B 235 32.60 10.12 5.61
C ILE B 235 31.93 9.07 4.71
N MSE B 236 31.25 9.53 3.68
CA MSE B 236 30.70 8.62 2.68
C MSE B 236 30.96 9.19 1.28
O MSE B 236 30.80 10.38 1.03
CB MSE B 236 29.20 8.39 2.92
CG MSE B 236 28.92 7.66 4.24
SE MSE B 236 27.05 7.65 4.81
CE MSE B 236 26.32 6.50 3.41
N HIS B 237 31.40 8.32 0.37
CA HIS B 237 31.81 8.76 -0.96
C HIS B 237 31.66 7.60 -1.94
N GLY B 238 31.16 7.90 -3.14
CA GLY B 238 30.99 6.88 -4.16
C GLY B 238 32.25 6.74 -5.01
N ASP B 239 32.57 5.50 -5.36
CA ASP B 239 33.81 5.26 -6.10
C ASP B 239 33.69 5.65 -7.57
N GLN B 240 32.53 6.11 -8.03
CA GLN B 240 32.36 6.58 -9.39
C GLN B 240 32.07 8.08 -9.46
N ASP B 241 32.28 8.81 -8.37
CA ASP B 241 32.02 10.24 -8.35
C ASP B 241 32.92 10.94 -9.36
N ASP B 242 32.32 11.51 -10.40
CA ASP B 242 33.08 12.23 -11.42
C ASP B 242 33.05 13.75 -11.20
N VAL B 243 32.61 14.19 -10.02
CA VAL B 243 32.63 15.60 -9.65
C VAL B 243 33.67 15.87 -8.56
N VAL B 244 33.56 15.20 -7.43
CA VAL B 244 34.55 15.23 -6.37
C VAL B 244 35.28 13.89 -6.37
N PRO B 245 36.56 13.85 -6.70
CA PRO B 245 37.29 12.57 -6.70
C PRO B 245 37.11 11.81 -5.39
N TYR B 246 36.78 10.53 -5.52
CA TYR B 246 36.68 9.66 -4.35
C TYR B 246 37.94 9.71 -3.49
N GLN B 247 39.11 9.91 -4.11
CA GLN B 247 40.36 9.95 -3.36
C GLN B 247 40.45 11.15 -2.43
N GLN B 248 39.61 12.18 -2.60
CA GLN B 248 39.55 13.25 -1.62
C GLN B 248 39.14 12.71 -0.25
N SER B 249 38.09 11.88 -0.22
CA SER B 249 37.63 11.34 1.05
C SER B 249 38.64 10.36 1.65
N VAL B 250 39.33 9.60 0.79
CA VAL B 250 40.39 8.72 1.28
C VAL B 250 41.50 9.54 1.93
N GLN B 251 41.89 10.65 1.29
CA GLN B 251 42.94 11.49 1.85
C GLN B 251 42.55 12.03 3.21
N LEU B 252 41.31 12.51 3.34
CA LEU B 252 40.83 13.00 4.63
C LEU B 252 40.85 11.89 5.69
N PHE B 253 40.28 10.73 5.35
CA PHE B 253 40.16 9.65 6.32
C PHE B 253 41.52 9.20 6.82
N GLU B 254 42.46 8.96 5.91
CA GLU B 254 43.80 8.55 6.31
C GLU B 254 44.46 9.61 7.19
N ALA B 255 44.23 10.89 6.88
CA ALA B 255 44.82 11.96 7.69
C ALA B 255 44.16 12.06 9.05
N LEU B 256 42.84 11.89 9.11
CA LEU B 256 42.14 11.88 10.39
C LEU B 256 42.64 10.73 11.27
N ILE B 257 42.75 9.53 10.69
CA ILE B 257 43.22 8.38 11.45
C ILE B 257 44.64 8.61 11.96
N LYS B 258 45.48 9.25 11.14
CA LYS B 258 46.87 9.48 11.53
C LYS B 258 46.96 10.38 12.76
N GLU B 259 46.01 11.29 12.93
CA GLU B 259 45.95 12.17 14.09
C GLU B 259 45.22 11.53 15.26
N GLY B 260 44.75 10.29 15.13
CA GLY B 260 44.03 9.64 16.20
C GLY B 260 42.58 10.03 16.34
N HIS B 261 41.95 10.53 15.28
CA HIS B 261 40.56 10.97 15.37
C HIS B 261 39.60 9.80 15.28
N ASP B 262 38.42 9.99 15.87
CA ASP B 262 37.29 9.09 15.73
C ASP B 262 36.69 9.32 14.34
N ALA B 263 37.01 8.45 13.39
CA ALA B 263 36.55 8.64 12.02
C ALA B 263 36.04 7.33 11.46
N LEU B 264 35.02 7.46 10.62
CA LEU B 264 34.35 6.32 10.00
C LEU B 264 34.14 6.66 8.54
N MSE B 265 34.56 5.76 7.65
CA MSE B 265 34.35 6.03 6.23
C MSE B 265 33.76 4.84 5.49
O MSE B 265 34.19 3.70 5.65
CB MSE B 265 35.66 6.45 5.56
CG MSE B 265 35.45 6.70 4.08
SE MSE B 265 36.97 7.42 3.13
CE MSE B 265 36.35 7.01 1.33
N TYR B 266 32.77 5.12 4.66
CA TYR B 266 32.17 4.13 3.77
C TYR B 266 32.44 4.50 2.33
N LYS B 267 32.94 3.53 1.55
CA LYS B 267 32.98 3.63 0.10
C LYS B 267 31.67 3.07 -0.44
N ILE B 268 30.95 3.87 -1.23
CA ILE B 268 29.67 3.46 -1.79
C ILE B 268 29.97 2.92 -3.19
N ASN B 269 30.05 1.59 -3.29
CA ASN B 269 30.41 0.93 -4.55
C ASN B 269 29.36 1.24 -5.61
N GLY B 270 29.81 1.73 -6.76
CA GLY B 270 28.93 1.98 -7.88
C GLY B 270 28.13 3.27 -7.80
N ALA B 271 28.32 4.08 -6.77
CA ALA B 271 27.64 5.36 -6.67
C ALA B 271 28.54 6.47 -7.20
N GLY B 272 27.90 7.48 -7.77
CA GLY B 272 28.62 8.68 -8.17
C GLY B 272 28.22 9.87 -7.33
N HIS B 273 28.20 11.05 -7.95
CA HIS B 273 27.92 12.31 -7.26
C HIS B 273 26.40 12.49 -7.15
N ASN B 274 25.79 11.70 -6.26
CA ASN B 274 24.38 11.80 -5.93
C ASN B 274 24.21 11.49 -4.45
N GLY B 275 23.24 12.15 -3.83
CA GLY B 275 22.94 11.89 -2.44
C GLY B 275 22.68 10.42 -2.18
N PHE B 276 23.18 9.90 -1.06
CA PHE B 276 23.03 8.48 -0.73
C PHE B 276 21.67 8.28 -0.05
N THR B 277 20.63 8.44 -0.85
CA THR B 277 19.26 8.49 -0.36
C THR B 277 18.58 7.13 -0.32
N GLN B 278 19.30 6.06 -0.59
CA GLN B 278 18.71 4.74 -0.42
C GLN B 278 18.68 4.40 1.08
N ALA B 279 17.81 3.43 1.42
CA ALA B 279 17.48 3.19 2.83
C ALA B 279 18.69 2.75 3.62
N HIS B 280 19.47 1.80 3.09
CA HIS B 280 20.62 1.29 3.82
C HIS B 280 21.72 2.33 3.98
N THR B 281 21.87 3.24 3.01
CA THR B 281 22.86 4.30 3.17
C THR B 281 22.36 5.40 4.11
N LEU B 282 21.08 5.73 4.06
CA LEU B 282 20.52 6.65 5.05
C LEU B 282 20.62 6.05 6.44
N ASP B 283 20.43 4.73 6.56
CA ASP B 283 20.53 4.07 7.87
C ASP B 283 21.89 4.29 8.51
N ILE B 284 22.94 4.42 7.70
CA ILE B 284 24.27 4.65 8.25
C ILE B 284 24.36 6.02 8.90
N VAL B 285 23.85 7.05 8.22
CA VAL B 285 23.80 8.38 8.80
C VAL B 285 22.94 8.37 10.07
N LYS B 286 21.81 7.65 10.03
CA LYS B 286 20.93 7.58 11.19
C LYS B 286 21.61 6.91 12.38
N SER B 287 22.29 5.79 12.14
CA SER B 287 23.00 5.11 13.21
C SER B 287 24.13 5.98 13.77
N PHE B 288 24.78 6.74 12.90
CA PHE B 288 25.90 7.59 13.32
C PHE B 288 25.41 8.65 14.29
N PHE B 289 24.40 9.43 13.88
CA PHE B 289 23.91 10.50 14.75
C PHE B 289 23.25 9.94 16.00
N ARG B 290 22.60 8.78 15.90
CA ARG B 290 22.05 8.15 17.09
C ARG B 290 23.14 7.84 18.10
N LYS B 291 24.30 7.37 17.63
CA LYS B 291 25.37 7.00 18.54
C LYS B 291 25.88 8.20 19.33
N HIS B 292 26.04 9.35 18.66
CA HIS B 292 26.71 10.48 19.29
C HIS B 292 25.77 11.54 19.82
N LEU B 293 24.58 11.69 19.23
CA LEU B 293 23.61 12.66 19.74
C LEU B 293 22.57 12.04 20.67
N LYS B 294 22.35 10.73 20.59
CA LYS B 294 21.53 9.99 21.55
C LYS B 294 20.11 10.52 21.68
N PRO B 295 19.31 10.49 20.61
CA PRO B 295 17.92 10.96 20.70
C PRO B 295 17.14 10.12 21.70
N GLY B 296 16.23 10.77 22.42
CA GLY B 296 15.50 10.13 23.50
C GLY B 296 14.54 9.03 23.07
N THR C 2 42.68 -2.66 11.91
CA THR C 2 41.40 -2.02 12.17
C THR C 2 41.35 -0.64 11.52
N ASN C 3 40.19 0.00 11.55
CA ASN C 3 39.98 1.33 11.01
C ASN C 3 40.26 1.37 9.50
N HIS C 4 39.60 0.46 8.78
CA HIS C 4 39.66 0.42 7.33
C HIS C 4 38.46 1.16 6.75
N ILE C 5 38.53 1.42 5.45
CA ILE C 5 37.39 1.99 4.74
C ILE C 5 36.37 0.87 4.53
N LYS C 6 35.16 1.09 5.02
CA LYS C 6 34.09 0.12 4.85
C LYS C 6 33.43 0.30 3.50
N GLU C 7 32.82 -0.76 3.01
CA GLU C 7 32.20 -0.78 1.70
C GLU C 7 30.74 -1.14 1.84
N ILE C 8 29.90 -0.44 1.08
CA ILE C 8 28.48 -0.76 0.99
C ILE C 8 28.05 -0.51 -0.44
N ASN C 9 27.08 -1.30 -0.91
CA ASN C 9 26.69 -1.31 -2.31
C ASN C 9 25.59 -0.30 -2.58
N TRP C 10 25.59 0.21 -3.80
CA TRP C 10 24.58 1.14 -4.27
C TRP C 10 23.72 0.43 -5.32
N GLU C 11 22.41 0.57 -5.20
CA GLU C 11 21.48 -0.07 -6.13
C GLU C 11 21.31 0.81 -7.36
N GLN C 12 21.44 0.21 -8.55
CA GLN C 12 21.34 0.97 -9.79
C GLN C 12 19.87 1.08 -10.22
N ASN C 13 19.60 2.12 -11.02
N ASN C 13 19.61 2.14 -11.00
CA ASN C 13 18.27 2.34 -11.60
CA ASN C 13 18.29 2.39 -11.60
C ASN C 13 17.17 2.28 -10.52
C ASN C 13 17.19 2.32 -10.55
N THR C 14 17.35 3.12 -9.51
CA THR C 14 16.43 3.14 -8.37
C THR C 14 16.10 4.57 -8.02
N ASN C 15 14.81 4.89 -8.00
CA ASN C 15 14.34 6.17 -7.46
C ASN C 15 14.35 6.08 -5.93
N SER C 16 15.12 6.93 -5.29
CA SER C 16 15.09 6.99 -3.83
C SER C 16 15.07 8.39 -3.28
N TYR C 17 15.41 9.40 -4.07
CA TYR C 17 15.42 10.78 -3.62
C TYR C 17 14.02 11.37 -3.78
N ILE C 18 13.47 11.86 -2.67
CA ILE C 18 12.21 12.57 -2.70
C ILE C 18 12.52 14.05 -2.59
N GLN C 19 12.19 14.81 -3.64
CA GLN C 19 12.49 16.23 -3.68
C GLN C 19 11.27 17.04 -3.28
N LEU C 20 11.49 18.07 -2.46
CA LEU C 20 10.48 19.09 -2.20
C LEU C 20 10.73 20.24 -3.16
N ILE C 21 9.74 20.55 -3.99
CA ILE C 21 9.82 21.65 -4.94
C ILE C 21 8.81 22.71 -4.51
N PRO C 22 9.25 23.80 -3.88
CA PRO C 22 8.30 24.75 -3.30
C PRO C 22 7.94 25.92 -4.21
N ASN C 23 6.82 26.56 -3.90
CA ASN C 23 6.46 27.87 -4.49
C ASN C 23 6.30 27.78 -6.01
N ILE C 24 5.73 26.68 -6.50
CA ILE C 24 5.37 26.60 -7.91
C ILE C 24 4.13 27.43 -8.14
N GLU C 25 4.23 28.46 -8.98
CA GLU C 25 3.07 29.29 -9.27
C GLU C 25 2.15 28.56 -10.24
N TYR C 26 0.90 28.34 -9.84
CA TYR C 26 -0.03 27.67 -10.73
C TYR C 26 -1.05 28.63 -11.35
N THR C 27 -1.28 29.79 -10.74
CA THR C 27 -2.13 30.79 -11.36
C THR C 27 -1.78 32.16 -10.79
N LYS C 28 -2.25 33.20 -11.48
CA LYS C 28 -2.09 34.57 -11.03
C LYS C 28 -3.44 35.26 -11.19
N VAL C 29 -3.87 35.96 -10.13
CA VAL C 29 -5.10 36.75 -10.17
C VAL C 29 -4.70 38.18 -9.84
N GLU C 30 -4.71 39.04 -10.86
CA GLU C 30 -4.27 40.44 -10.76
C GLU C 30 -2.78 40.42 -10.43
N ASP C 31 -2.35 40.94 -9.28
CA ASP C 31 -0.95 40.88 -8.88
C ASP C 31 -0.68 39.74 -7.90
N THR C 32 -1.69 38.93 -7.59
CA THR C 32 -1.58 37.90 -6.57
C THR C 32 -1.25 36.56 -7.21
N SER C 33 -0.05 36.06 -6.93
CA SER C 33 0.35 34.73 -7.34
C SER C 33 -0.12 33.70 -6.33
N LEU C 34 -0.62 32.57 -6.83
CA LEU C 34 -0.97 31.43 -6.01
C LEU C 34 -0.03 30.28 -6.32
N THR C 35 0.44 29.60 -5.27
CA THR C 35 1.50 28.61 -5.43
C THR C 35 1.07 27.29 -4.84
N LEU C 36 1.81 26.24 -5.23
CA LEU C 36 1.70 24.94 -4.62
C LEU C 36 3.12 24.42 -4.38
N HIS C 37 3.25 23.52 -3.42
CA HIS C 37 4.50 22.82 -3.17
C HIS C 37 4.37 21.38 -3.63
N LEU C 38 5.38 20.88 -4.33
CA LEU C 38 5.34 19.54 -4.90
C LEU C 38 6.35 18.64 -4.21
N LEU C 39 5.93 17.41 -3.95
CA LEU C 39 6.77 16.33 -3.44
C LEU C 39 6.75 15.21 -4.47
N VAL C 40 7.92 14.79 -4.93
CA VAL C 40 8.00 13.85 -6.04
C VAL C 40 9.33 13.11 -5.96
N TYR C 41 9.30 11.85 -6.39
CA TYR C 41 10.54 11.11 -6.60
C TYR C 41 11.36 11.79 -7.68
N ARG C 42 12.42 12.49 -7.28
CA ARG C 42 13.24 13.22 -8.23
C ARG C 42 14.60 13.47 -7.59
N ASN C 43 15.66 13.05 -8.26
CA ASN C 43 17.02 13.37 -7.86
C ASN C 43 17.39 14.71 -8.49
N PRO C 44 17.55 15.78 -7.71
CA PRO C 44 17.85 17.10 -8.31
C PRO C 44 19.14 17.13 -9.09
N MSE C 45 20.05 16.20 -8.83
CA MSE C 45 21.31 16.11 -9.57
C MSE C 45 21.03 15.84 -11.06
O MSE C 45 21.81 16.23 -11.91
CB MSE C 45 22.19 15.03 -8.96
CG MSE C 45 23.67 15.31 -9.02
SE MSE C 45 24.24 16.84 -7.97
CE MSE C 45 24.47 16.02 -6.22
N ASP C 46 19.91 15.16 -11.35
CA ASP C 46 19.62 14.80 -12.73
C ASP C 46 19.35 16.02 -13.60
N ALA C 47 18.49 16.93 -13.14
CA ALA C 47 18.26 18.15 -13.90
C ALA C 47 19.51 19.02 -13.95
N LEU C 48 20.28 19.03 -12.86
CA LEU C 48 21.48 19.85 -12.78
C LEU C 48 22.50 19.47 -13.84
N PHE C 49 22.59 18.17 -14.16
CA PHE C 49 23.56 17.70 -15.14
C PHE C 49 22.89 17.19 -16.42
N ASN C 50 21.64 17.59 -16.65
CA ASN C 50 20.92 17.29 -17.89
C ASN C 50 20.92 15.80 -18.19
N ARG C 51 20.76 14.98 -17.16
CA ARG C 51 20.56 13.56 -17.33
C ARG C 51 19.09 13.27 -17.57
N LYS C 52 18.82 12.11 -18.17
CA LYS C 52 17.46 11.61 -18.25
C LYS C 52 16.92 11.40 -16.84
N GLY C 53 15.73 11.95 -16.58
CA GLY C 53 15.16 11.91 -15.25
C GLY C 53 14.30 10.68 -15.02
N ASN C 54 13.52 10.75 -13.95
CA ASN C 54 12.57 9.70 -13.61
C ASN C 54 11.45 9.68 -14.66
N GLN C 55 11.24 8.53 -15.29
CA GLN C 55 10.19 8.38 -16.29
C GLN C 55 8.89 7.82 -15.72
N GLU C 56 8.85 7.47 -14.44
CA GLU C 56 7.63 6.95 -13.84
C GLU C 56 6.57 8.05 -13.73
N THR C 57 5.31 7.64 -13.76
CA THR C 57 4.21 8.51 -13.37
C THR C 57 3.51 7.90 -12.17
N TYR C 58 2.91 8.75 -11.36
CA TYR C 58 2.34 8.36 -10.07
C TYR C 58 0.98 9.00 -9.92
N PRO C 59 0.05 8.35 -9.22
CA PRO C 59 -1.18 9.03 -8.82
C PRO C 59 -0.85 10.23 -7.95
N LEU C 60 -1.74 11.22 -7.98
CA LEU C 60 -1.51 12.50 -7.32
C LEU C 60 -2.46 12.64 -6.13
N ILE C 61 -1.92 13.09 -5.00
CA ILE C 61 -2.73 13.53 -3.86
C ILE C 61 -2.50 15.03 -3.69
N ILE C 62 -3.58 15.80 -3.68
CA ILE C 62 -3.53 17.23 -3.43
C ILE C 62 -3.96 17.46 -1.98
N TYR C 63 -3.15 18.20 -1.23
CA TYR C 63 -3.49 18.57 0.14
C TYR C 63 -3.93 20.03 0.19
N LEU C 64 -5.02 20.31 0.89
CA LEU C 64 -5.56 21.66 1.05
C LEU C 64 -5.53 21.99 2.54
N GLN C 65 -4.52 22.73 2.96
CA GLN C 65 -4.40 23.12 4.37
C GLN C 65 -5.55 24.04 4.76
N GLY C 66 -6.16 23.77 5.91
CA GLY C 66 -7.21 24.63 6.39
C GLY C 66 -6.69 25.91 7.02
N CYS C 67 -7.57 26.93 7.04
CA CYS C 67 -7.19 28.22 7.60
C CYS C 67 -8.39 29.11 7.92
N GLY C 68 -9.59 28.54 8.04
CA GLY C 68 -10.78 29.36 8.10
C GLY C 68 -10.98 30.21 6.85
N TRP C 69 -10.53 29.71 5.70
CA TRP C 69 -10.54 30.44 4.43
C TRP C 69 -9.94 31.83 4.60
N GLY C 70 -8.81 31.91 5.30
CA GLY C 70 -8.11 33.15 5.47
C GLY C 70 -8.36 33.87 6.79
N TRP C 71 -9.20 33.31 7.66
CA TRP C 71 -9.33 33.84 9.01
C TRP C 71 -7.95 33.91 9.68
N THR C 72 -7.12 32.90 9.45
CA THR C 72 -5.68 32.99 9.63
C THR C 72 -5.02 32.79 8.26
N LYS C 73 -3.78 33.23 8.14
CA LYS C 73 -3.09 33.10 6.86
C LYS C 73 -2.73 31.63 6.60
N GLN C 74 -3.10 31.15 5.42
CA GLN C 74 -2.88 29.74 5.10
C GLN C 74 -1.40 29.43 5.05
N ASP C 75 -0.99 28.38 5.77
CA ASP C 75 0.39 27.91 5.80
C ASP C 75 0.43 26.59 5.04
N THR C 76 0.81 26.66 3.76
CA THR C 76 0.90 25.46 2.94
C THR C 76 2.15 24.63 3.19
N SER C 77 3.08 25.11 4.03
CA SER C 77 4.28 24.34 4.33
C SER C 77 4.14 23.46 5.56
N ALA C 78 3.29 23.85 6.50
CA ALA C 78 3.30 23.24 7.83
C ALA C 78 3.14 21.73 7.77
N PHE C 79 2.19 21.25 6.97
CA PHE C 79 1.80 19.84 6.98
C PHE C 79 2.72 18.95 6.15
N ILE C 80 3.63 19.54 5.38
CA ILE C 80 4.42 18.81 4.39
C ILE C 80 5.12 17.58 4.99
N PRO C 81 5.63 17.59 6.23
CA PRO C 81 6.26 16.35 6.73
C PRO C 81 5.32 15.16 6.81
N GLN C 82 4.01 15.40 7.01
CA GLN C 82 3.05 14.30 7.00
C GLN C 82 2.77 13.79 5.59
N LEU C 83 3.00 14.62 4.57
CA LEU C 83 2.78 14.22 3.20
C LEU C 83 3.94 13.42 2.61
N VAL C 84 5.15 13.58 3.18
CA VAL C 84 6.32 12.87 2.66
C VAL C 84 6.14 11.36 2.65
N PRO C 85 5.65 10.71 3.72
CA PRO C 85 5.45 9.25 3.65
C PRO C 85 4.48 8.81 2.56
N PHE C 86 3.60 9.68 2.07
CA PHE C 86 2.74 9.28 0.96
C PHE C 86 3.55 9.13 -0.32
N VAL C 87 4.53 10.02 -0.54
CA VAL C 87 5.39 9.87 -1.71
C VAL C 87 6.12 8.54 -1.65
N GLU C 88 6.62 8.17 -0.47
CA GLU C 88 7.29 6.88 -0.29
C GLU C 88 6.41 5.72 -0.72
N GLN C 89 5.09 5.89 -0.64
N GLN C 89 5.09 5.87 -0.67
CA GLN C 89 4.12 4.87 -1.03
CA GLN C 89 4.19 4.79 -1.06
C GLN C 89 3.87 4.81 -2.53
C GLN C 89 3.71 4.93 -2.51
N GLY C 90 4.36 5.78 -3.30
CA GLY C 90 4.15 5.81 -4.73
C GLY C 90 3.20 6.88 -5.23
N TYR C 91 3.17 8.04 -4.58
CA TYR C 91 2.37 9.17 -5.03
C TYR C 91 3.27 10.35 -5.36
N VAL C 92 2.74 11.24 -6.18
CA VAL C 92 3.14 12.65 -6.18
C VAL C 92 2.17 13.39 -5.27
N VAL C 93 2.66 14.35 -4.51
CA VAL C 93 1.82 15.13 -3.61
C VAL C 93 2.04 16.61 -3.88
N ALA C 94 0.95 17.36 -3.94
CA ALA C 94 0.99 18.81 -4.01
C ALA C 94 0.20 19.39 -2.85
N SER C 95 0.74 20.42 -2.21
CA SER C 95 0.02 21.19 -1.20
C SER C 95 -0.30 22.56 -1.80
N VAL C 96 -1.59 22.88 -1.89
CA VAL C 96 -2.08 23.94 -2.76
C VAL C 96 -2.54 25.13 -1.91
N GLN C 97 -2.11 26.33 -2.31
CA GLN C 97 -2.59 27.57 -1.72
C GLN C 97 -3.88 28.02 -2.42
N TYR C 98 -4.84 28.52 -1.64
CA TYR C 98 -6.00 29.20 -2.17
C TYR C 98 -6.16 30.55 -1.47
N ARG C 99 -6.95 31.42 -2.09
CA ARG C 99 -7.08 32.79 -1.60
C ARG C 99 -7.89 32.86 -0.31
N GLY C 100 -7.48 33.75 0.59
CA GLY C 100 -8.28 34.03 1.77
C GLY C 100 -9.47 34.91 1.44
N SER C 101 -10.48 34.85 2.31
CA SER C 101 -11.71 35.58 2.05
C SER C 101 -11.55 37.09 2.14
N GLY C 102 -10.45 37.57 2.71
CA GLY C 102 -10.15 39.00 2.65
C GLY C 102 -9.71 39.45 1.28
N GLU C 103 -9.22 38.53 0.45
CA GLU C 103 -8.90 38.84 -0.94
C GLU C 103 -10.12 38.70 -1.85
N ALA C 104 -10.92 37.66 -1.64
CA ALA C 104 -12.09 37.44 -2.50
C ALA C 104 -13.00 36.41 -1.85
N VAL C 105 -14.30 36.62 -1.99
CA VAL C 105 -15.29 35.76 -1.36
C VAL C 105 -15.58 34.56 -2.26
N PHE C 106 -16.21 33.54 -1.67
CA PHE C 106 -16.63 32.36 -2.41
C PHE C 106 -17.41 32.80 -3.65
N PRO C 107 -17.24 32.14 -4.81
CA PRO C 107 -16.49 30.89 -5.05
C PRO C 107 -15.01 31.01 -5.40
N ALA C 108 -14.37 32.14 -5.09
CA ALA C 108 -12.96 32.32 -5.42
C ALA C 108 -12.11 31.17 -4.91
N GLN C 109 -12.37 30.70 -3.70
CA GLN C 109 -11.56 29.62 -3.12
C GLN C 109 -11.70 28.34 -3.91
N LEU C 110 -12.91 28.05 -4.42
CA LEU C 110 -13.11 26.87 -5.22
C LEU C 110 -12.52 27.05 -6.62
N HIS C 111 -12.67 28.25 -7.19
CA HIS C 111 -12.00 28.55 -8.45
C HIS C 111 -10.51 28.25 -8.35
N ASP C 112 -9.89 28.63 -7.24
CA ASP C 112 -8.44 28.45 -7.10
C ASP C 112 -8.07 26.98 -7.08
N VAL C 113 -8.72 26.17 -6.24
CA VAL C 113 -8.31 24.78 -6.15
C VAL C 113 -8.73 23.99 -7.39
N LYS C 114 -9.83 24.38 -8.04
CA LYS C 114 -10.16 23.77 -9.32
C LYS C 114 -9.07 24.05 -10.35
N THR C 115 -8.59 25.29 -10.39
CA THR C 115 -7.54 25.65 -11.33
C THR C 115 -6.24 24.91 -11.01
N ALA C 116 -5.96 24.68 -9.72
CA ALA C 116 -4.78 23.93 -9.34
C ALA C 116 -4.85 22.49 -9.83
N VAL C 117 -6.03 21.87 -9.71
CA VAL C 117 -6.22 20.52 -10.26
C VAL C 117 -5.89 20.52 -11.75
N ARG C 118 -6.46 21.47 -12.49
CA ARG C 118 -6.26 21.49 -13.94
C ARG C 118 -4.82 21.82 -14.29
N PHE C 119 -4.18 22.73 -13.53
CA PHE C 119 -2.77 23.02 -13.75
C PHE C 119 -1.92 21.77 -13.60
N LEU C 120 -2.18 20.98 -12.55
CA LEU C 120 -1.38 19.79 -12.29
C LEU C 120 -1.62 18.72 -13.34
N LYS C 121 -2.87 18.57 -13.79
CA LYS C 121 -3.17 17.60 -14.82
C LYS C 121 -2.56 18.02 -16.16
N ALA C 122 -2.70 19.29 -16.51
CA ALA C 122 -2.19 19.77 -17.80
C ALA C 122 -0.67 19.65 -17.88
N ASN C 123 0.02 19.90 -16.76
CA ASN C 123 1.47 19.79 -16.69
C ASN C 123 1.92 18.47 -16.07
N ALA C 124 1.09 17.43 -16.20
CA ALA C 124 1.32 16.18 -15.48
C ALA C 124 2.67 15.56 -15.82
N ALA C 125 3.04 15.55 -17.11
CA ALA C 125 4.25 14.86 -17.54
C ALA C 125 5.49 15.49 -16.90
N ARG C 126 5.52 16.82 -16.81
CA ARG C 126 6.60 17.55 -16.17
C ARG C 126 6.75 17.22 -14.69
N TYR C 127 5.68 16.74 -14.05
CA TYR C 127 5.68 16.49 -12.61
C TYR C 127 5.51 15.02 -12.27
N ASN C 128 5.71 14.12 -13.25
CA ASN C 128 5.57 12.67 -13.04
C ASN C 128 4.18 12.29 -12.56
N ILE C 129 3.16 13.05 -12.95
CA ILE C 129 1.80 12.81 -12.48
C ILE C 129 1.03 11.98 -13.49
N ASP C 130 0.26 11.02 -12.98
CA ASP C 130 -0.77 10.37 -13.79
C ASP C 130 -2.06 11.16 -13.62
N PRO C 131 -2.49 11.94 -14.61
CA PRO C 131 -3.64 12.83 -14.41
C PRO C 131 -4.97 12.10 -14.27
N ASP C 132 -5.01 10.80 -14.55
CA ASP C 132 -6.24 10.04 -14.44
C ASP C 132 -6.51 9.54 -13.03
N ARG C 133 -5.58 9.75 -12.09
CA ARG C 133 -5.70 9.26 -10.71
C ARG C 133 -5.30 10.39 -9.77
N VAL C 134 -6.29 11.18 -9.34
CA VAL C 134 -6.06 12.37 -8.53
C VAL C 134 -6.97 12.31 -7.31
N GLY C 135 -6.37 12.30 -6.13
CA GLY C 135 -7.13 12.42 -4.90
C GLY C 135 -6.93 13.79 -4.28
N VAL C 136 -7.86 14.22 -3.44
CA VAL C 136 -7.69 15.48 -2.73
C VAL C 136 -8.05 15.27 -1.27
N TRP C 137 -7.33 15.97 -0.40
CA TRP C 137 -7.37 15.77 1.04
C TRP C 137 -7.21 17.13 1.68
N GLY C 138 -8.08 17.43 2.65
CA GLY C 138 -8.00 18.72 3.32
C GLY C 138 -8.51 18.63 4.75
N ASP C 139 -8.02 19.56 5.57
CA ASP C 139 -8.49 19.69 6.94
C ASP C 139 -9.23 21.01 7.06
N SER C 140 -10.29 21.01 7.89
CA SER C 140 -11.05 22.21 8.21
C SER C 140 -11.51 22.87 6.90
N SER C 141 -11.24 24.16 6.68
CA SER C 141 -11.67 24.81 5.45
C SER C 141 -11.10 24.13 4.21
N GLY C 142 -9.97 23.44 4.34
CA GLY C 142 -9.47 22.65 3.22
C GLY C 142 -10.29 21.39 2.98
N GLY C 143 -10.82 20.77 4.04
CA GLY C 143 -11.71 19.65 3.84
C GLY C 143 -13.00 20.07 3.18
N HIS C 144 -13.48 21.26 3.54
CA HIS C 144 -14.65 21.85 2.89
C HIS C 144 -14.43 21.99 1.38
N LEU C 145 -13.29 22.52 0.97
CA LEU C 145 -13.00 22.67 -0.45
C LEU C 145 -12.76 21.32 -1.12
N ALA C 146 -12.14 20.37 -0.41
CA ALA C 146 -11.95 19.04 -0.95
C ALA C 146 -13.29 18.40 -1.28
N LEU C 147 -14.26 18.49 -0.36
CA LEU C 147 -15.60 17.98 -0.60
C LEU C 147 -16.24 18.63 -1.82
N LEU C 148 -16.05 19.95 -1.98
CA LEU C 148 -16.66 20.64 -3.11
C LEU C 148 -16.03 20.22 -4.43
N LEU C 149 -14.72 19.96 -4.43
CA LEU C 149 -14.09 19.41 -5.62
C LEU C 149 -14.72 18.06 -5.99
N GLY C 150 -15.08 17.27 -4.98
CA GLY C 150 -15.70 15.98 -5.28
C GLY C 150 -17.13 16.12 -5.77
N LEU C 151 -17.89 17.07 -5.20
CA LEU C 151 -19.34 17.12 -5.39
C LEU C 151 -19.81 18.12 -6.44
N THR C 152 -18.93 19.01 -6.91
CA THR C 152 -19.32 20.04 -7.88
C THR C 152 -18.70 19.82 -9.24
N GLU C 153 -18.24 18.60 -9.53
CA GLU C 153 -17.64 18.29 -10.81
C GLU C 153 -18.60 18.63 -11.95
N GLY C 154 -18.08 19.32 -12.97
CA GLY C 154 -18.87 19.66 -14.13
C GLY C 154 -19.76 20.88 -13.98
N ILE C 155 -19.65 21.61 -12.88
CA ILE C 155 -20.42 22.84 -12.70
C ILE C 155 -19.58 23.99 -13.26
N GLU C 156 -20.02 24.54 -14.39
CA GLU C 156 -19.23 25.52 -15.13
C GLU C 156 -18.90 26.74 -14.28
N GLU C 157 -19.88 27.21 -13.50
N GLU C 157 -19.87 27.24 -13.51
CA GLU C 157 -19.71 28.42 -12.70
CA GLU C 157 -19.66 28.46 -12.74
C GLU C 157 -18.57 28.30 -11.70
C GLU C 157 -18.60 28.30 -11.66
N PHE C 158 -18.12 27.08 -11.40
CA PHE C 158 -17.09 26.86 -10.38
C PHE C 158 -15.72 26.55 -10.96
N GLU C 159 -15.58 26.51 -12.29
CA GLU C 159 -14.27 26.20 -12.87
C GLU C 159 -13.28 27.33 -12.69
N GLY C 160 -13.74 28.57 -12.75
CA GLY C 160 -12.88 29.72 -12.57
C GLY C 160 -12.38 30.31 -13.88
N PRO C 161 -11.13 30.73 -13.91
CA PRO C 161 -10.59 31.43 -15.07
C PRO C 161 -10.44 30.48 -16.26
N ASP C 162 -10.29 31.10 -17.43
CA ASP C 162 -10.09 30.37 -18.69
C ASP C 162 -8.63 29.90 -18.77
N GLU C 163 -8.30 28.94 -17.92
CA GLU C 163 -6.96 28.40 -17.83
C GLU C 163 -7.01 26.88 -17.72
N TYR C 164 -6.24 26.21 -18.59
CA TYR C 164 -6.15 24.74 -18.59
C TYR C 164 -7.53 24.11 -18.68
N ARG C 165 -8.38 24.71 -19.51
CA ARG C 165 -9.76 24.30 -19.65
C ARG C 165 -9.92 23.05 -20.51
N HIS C 166 -8.84 22.58 -21.14
CA HIS C 166 -8.87 21.36 -21.94
C HIS C 166 -8.69 20.10 -21.10
N VAL C 167 -8.51 20.23 -19.80
CA VAL C 167 -8.54 19.08 -18.91
C VAL C 167 -9.64 19.30 -17.87
N SER C 168 -10.06 18.21 -17.24
CA SER C 168 -11.13 18.25 -16.26
C SER C 168 -10.59 18.52 -14.87
N SER C 169 -11.39 19.19 -14.05
CA SER C 169 -11.05 19.41 -12.66
C SER C 169 -11.64 18.35 -11.74
N LYS C 170 -12.08 17.22 -12.28
CA LYS C 170 -12.60 16.15 -11.44
C LYS C 170 -11.50 15.54 -10.58
N VAL C 171 -11.89 15.00 -9.44
CA VAL C 171 -10.99 14.24 -8.58
C VAL C 171 -11.60 12.86 -8.41
N ASP C 172 -10.76 11.91 -8.02
CA ASP C 172 -11.16 10.51 -7.96
C ASP C 172 -11.29 9.97 -6.54
N ALA C 173 -10.97 10.77 -5.53
CA ALA C 173 -11.11 10.37 -4.13
C ALA C 173 -10.96 11.61 -3.27
N VAL C 174 -11.75 11.68 -2.20
CA VAL C 174 -11.76 12.84 -1.31
C VAL C 174 -11.59 12.37 0.12
N ALA C 175 -10.61 12.93 0.82
CA ALA C 175 -10.44 12.72 2.24
C ALA C 175 -10.71 14.03 2.96
N ASP C 176 -11.60 14.00 3.94
CA ASP C 176 -12.13 15.20 4.59
C ASP C 176 -11.87 15.10 6.09
N TRP C 177 -11.01 15.99 6.60
CA TRP C 177 -10.75 16.08 8.03
C TRP C 177 -11.53 17.26 8.58
N PHE C 178 -12.59 16.96 9.35
CA PHE C 178 -13.47 17.93 10.02
C PHE C 178 -13.71 19.19 9.18
N GLY C 179 -14.17 18.97 7.94
CA GLY C 179 -14.54 20.08 7.09
C GLY C 179 -15.98 20.52 7.28
N PRO C 180 -16.21 21.83 7.31
CA PRO C 180 -17.58 22.36 7.31
C PRO C 180 -18.38 21.84 6.12
N VAL C 181 -19.63 21.44 6.35
CA VAL C 181 -20.42 20.86 5.28
C VAL C 181 -21.71 21.64 5.02
N ASP C 182 -22.23 22.31 6.05
CA ASP C 182 -23.52 23.02 5.94
C ASP C 182 -23.39 24.31 6.74
N LEU C 183 -23.16 25.41 6.03
CA LEU C 183 -22.88 26.68 6.69
C LEU C 183 -24.06 27.15 7.54
N LEU C 184 -25.28 26.82 7.13
CA LEU C 184 -26.45 27.34 7.84
C LEU C 184 -26.80 26.53 9.08
N SER C 185 -26.28 25.31 9.22
CA SER C 185 -26.58 24.47 10.39
C SER C 185 -25.44 24.43 11.40
N MSE C 186 -24.34 25.14 11.15
CA MSE C 186 -23.18 25.11 12.03
C MSE C 186 -23.48 25.54 13.45
O MSE C 186 -23.00 24.93 14.41
CB MSE C 186 -22.08 26.01 11.48
CG MSE C 186 -21.69 25.74 10.08
SE MSE C 186 -19.77 25.82 9.96
CE MSE C 186 -19.38 24.14 10.69
N SER C 187 -24.27 26.60 13.59
CA SER C 187 -24.57 27.15 14.91
C SER C 187 -25.58 26.31 15.69
N LYS C 188 -26.03 25.19 15.12
CA LYS C 188 -26.92 24.30 15.86
C LYS C 188 -26.25 23.71 17.10
N TYR C 189 -24.92 23.63 17.12
CA TYR C 189 -24.17 22.92 18.15
C TYR C 189 -23.05 23.80 18.69
N PRO C 190 -22.55 23.50 19.89
CA PRO C 190 -21.58 24.38 20.54
C PRO C 190 -20.26 24.47 19.79
N SER C 191 -19.64 25.65 19.90
CA SER C 191 -18.38 25.96 19.26
C SER C 191 -17.78 27.17 19.97
N ILE C 192 -16.44 27.26 19.95
CA ILE C 192 -15.82 28.47 20.49
C ILE C 192 -16.05 29.65 19.54
N PHE C 193 -16.40 29.38 18.29
CA PHE C 193 -16.85 30.41 17.36
C PHE C 193 -18.36 30.54 17.43
N ASP C 194 -18.85 31.77 17.29
CA ASP C 194 -20.23 32.01 16.85
C ASP C 194 -20.18 32.03 15.33
N HIS C 195 -20.53 30.91 14.70
CA HIS C 195 -20.40 30.81 13.25
C HIS C 195 -21.43 31.66 12.50
N ASP C 196 -22.47 32.14 13.17
CA ASP C 196 -23.44 33.03 12.55
C ASP C 196 -23.01 34.48 12.56
N SER C 197 -21.99 34.83 13.34
CA SER C 197 -21.52 36.20 13.40
C SER C 197 -21.07 36.68 12.02
N PRO C 198 -21.29 37.94 11.67
CA PRO C 198 -20.67 38.48 10.46
C PRO C 198 -19.15 38.40 10.47
N ASN C 199 -18.53 38.20 11.63
CA ASN C 199 -17.09 38.07 11.73
C ASN C 199 -16.60 36.64 11.70
N SER C 200 -17.50 35.66 11.62
CA SER C 200 -17.08 34.27 11.58
C SER C 200 -16.34 33.97 10.28
N PRO C 201 -15.49 32.93 10.28
CA PRO C 201 -14.86 32.52 9.02
C PRO C 201 -15.85 32.21 7.91
N GLU C 202 -17.00 31.62 8.26
CA GLU C 202 -17.99 31.24 7.25
C GLU C 202 -18.67 32.47 6.66
N SER C 203 -19.02 33.45 7.50
CA SER C 203 -19.63 34.66 6.97
C SER C 203 -18.64 35.45 6.13
N LYS C 204 -17.38 35.53 6.56
CA LYS C 204 -16.36 36.19 5.77
C LYS C 204 -16.16 35.47 4.44
N LEU C 205 -16.21 34.13 4.46
CA LEU C 205 -16.07 33.36 3.23
C LEU C 205 -17.08 33.79 2.17
N ILE C 206 -18.36 33.94 2.56
CA ILE C 206 -19.37 34.25 1.56
C ILE C 206 -19.65 35.75 1.44
N GLY C 207 -19.18 36.57 2.38
CA GLY C 207 -19.30 38.01 2.27
C GLY C 207 -20.37 38.66 3.12
N GLY C 208 -20.95 37.92 4.07
CA GLY C 208 -21.95 38.50 4.96
C GLY C 208 -22.43 37.41 5.88
N ALA C 209 -23.14 37.82 6.93
CA ALA C 209 -23.67 36.87 7.92
C ALA C 209 -24.45 35.75 7.23
N VAL C 210 -24.05 34.50 7.51
CA VAL C 210 -24.53 33.38 6.71
C VAL C 210 -26.05 33.26 6.77
N GLN C 211 -26.66 33.51 7.93
CA GLN C 211 -28.10 33.33 8.06
C GLN C 211 -28.90 34.36 7.28
N GLU C 212 -28.30 35.50 6.94
CA GLU C 212 -28.99 36.51 6.13
C GLU C 212 -28.42 36.59 4.72
N ASN C 213 -27.67 35.59 4.29
CA ASN C 213 -27.17 35.48 2.91
C ASN C 213 -27.25 34.01 2.51
N ARG C 214 -28.49 33.50 2.43
CA ARG C 214 -28.73 32.06 2.44
C ARG C 214 -28.42 31.41 1.08
N VAL C 215 -28.75 32.08 -0.03
CA VAL C 215 -28.42 31.52 -1.33
C VAL C 215 -26.92 31.28 -1.43
N GLN C 216 -26.12 32.29 -1.09
CA GLN C 216 -24.67 32.12 -1.14
C GLN C 216 -24.18 31.13 -0.09
N ALA C 217 -24.80 31.12 1.11
CA ALA C 217 -24.41 30.14 2.12
C ALA C 217 -24.65 28.72 1.64
N LYS C 218 -25.77 28.49 0.95
CA LYS C 218 -26.05 27.15 0.42
C LYS C 218 -25.12 26.81 -0.72
N GLN C 219 -24.81 27.78 -1.59
CA GLN C 219 -23.91 27.51 -2.70
C GLN C 219 -22.52 27.10 -2.20
N ALA C 220 -22.10 27.65 -1.07
CA ALA C 220 -20.80 27.34 -0.49
C ALA C 220 -20.83 26.11 0.40
N SER C 221 -21.96 25.39 0.45
CA SER C 221 -22.10 24.27 1.38
C SER C 221 -22.02 22.94 0.62
N PRO C 222 -21.05 22.08 0.94
CA PRO C 222 -21.02 20.73 0.38
C PRO C 222 -22.34 19.99 0.44
N ILE C 223 -23.13 20.21 1.50
CA ILE C 223 -24.38 19.45 1.66
C ILE C 223 -25.34 19.71 0.50
N SER C 224 -25.24 20.87 -0.15
CA SER C 224 -26.15 21.20 -1.24
C SER C 224 -25.95 20.34 -2.48
N TYR C 225 -24.87 19.56 -2.55
CA TYR C 225 -24.50 18.87 -3.78
C TYR C 225 -24.51 17.35 -3.65
N VAL C 226 -25.00 16.81 -2.52
CA VAL C 226 -24.89 15.39 -2.24
C VAL C 226 -25.66 14.53 -3.23
N HIS C 227 -26.66 15.11 -3.91
CA HIS C 227 -27.40 14.36 -4.91
C HIS C 227 -26.64 14.20 -6.22
N ARG C 228 -25.53 14.92 -6.40
CA ARG C 228 -24.78 14.77 -7.64
C ARG C 228 -23.87 13.55 -7.55
N GLU C 229 -23.28 13.19 -8.68
CA GLU C 229 -22.27 12.15 -8.67
C GLU C 229 -21.06 12.59 -7.84
N ALA C 230 -20.35 11.61 -7.30
CA ALA C 230 -19.26 11.90 -6.39
C ALA C 230 -18.25 10.77 -6.46
N PRO C 231 -16.97 11.06 -6.28
CA PRO C 231 -15.99 10.00 -6.06
C PRO C 231 -16.13 9.44 -4.66
N PRO C 232 -15.41 8.36 -4.34
CA PRO C 232 -15.38 7.89 -2.95
C PRO C 232 -14.93 8.98 -1.99
N ILE C 233 -15.55 8.99 -0.81
CA ILE C 233 -15.31 10.04 0.18
C ILE C 233 -14.98 9.42 1.53
N LEU C 234 -13.92 9.92 2.16
CA LEU C 234 -13.54 9.55 3.52
C LEU C 234 -13.73 10.76 4.43
N ILE C 235 -14.41 10.56 5.55
CA ILE C 235 -14.69 11.61 6.53
C ILE C 235 -14.10 11.19 7.86
N MSE C 236 -13.34 12.09 8.50
CA MSE C 236 -12.86 11.82 9.85
C MSE C 236 -13.05 13.06 10.72
O MSE C 236 -12.75 14.17 10.30
CB MSE C 236 -11.39 11.39 9.83
CG MSE C 236 -11.15 10.13 8.98
SE MSE C 236 -9.26 9.72 8.71
CE MSE C 236 -8.68 9.65 10.57
N HIS C 237 -13.58 12.87 11.92
CA HIS C 237 -13.95 14.00 12.76
C HIS C 237 -13.85 13.60 14.22
N GLY C 238 -13.23 14.47 15.02
CA GLY C 238 -13.14 14.19 16.45
C GLY C 238 -14.42 14.61 17.17
N ASP C 239 -14.82 13.79 18.14
CA ASP C 239 -16.06 14.09 18.87
C ASP C 239 -15.88 15.19 19.90
N GLN C 240 -14.67 15.72 20.10
CA GLN C 240 -14.44 16.84 20.99
C GLN C 240 -14.15 18.13 20.23
N ASP C 241 -14.43 18.17 18.93
CA ASP C 241 -14.08 19.32 18.10
C ASP C 241 -14.92 20.52 18.52
N ASP C 242 -14.28 21.55 19.08
CA ASP C 242 -14.98 22.75 19.51
C ASP C 242 -14.91 23.87 18.48
N VAL C 243 -14.48 23.57 17.25
CA VAL C 243 -14.43 24.55 16.16
C VAL C 243 -15.44 24.21 15.07
N VAL C 244 -15.35 23.01 14.50
CA VAL C 244 -16.34 22.49 13.56
C VAL C 244 -17.14 21.42 14.28
N PRO C 245 -18.43 21.62 14.52
CA PRO C 245 -19.22 20.60 15.23
C PRO C 245 -19.10 19.25 14.56
N TYR C 246 -18.85 18.23 15.39
CA TYR C 246 -18.81 16.86 14.92
C TYR C 246 -20.07 16.51 14.12
N GLN C 247 -21.22 17.05 14.51
N GLN C 247 -21.20 17.08 14.52
CA GLN C 247 -22.45 16.70 13.81
CA GLN C 247 -22.48 16.84 13.88
C GLN C 247 -22.48 17.22 12.37
C GLN C 247 -22.45 17.20 12.39
N GLN C 248 -21.60 18.15 12.00
CA GLN C 248 -21.46 18.50 10.58
C GLN C 248 -21.10 17.28 9.75
N SER C 249 -20.11 16.51 10.20
CA SER C 249 -19.67 15.35 9.43
C SER C 249 -20.72 14.25 9.46
N VAL C 250 -21.41 14.09 10.58
CA VAL C 250 -22.52 13.12 10.62
C VAL C 250 -23.58 13.50 9.60
N GLN C 251 -23.94 14.79 9.54
CA GLN C 251 -24.96 15.23 8.60
C GLN C 251 -24.56 14.89 7.17
N LEU C 252 -23.31 15.18 6.80
CA LEU C 252 -22.81 14.84 5.48
C LEU C 252 -22.86 13.34 5.23
N PHE C 253 -22.30 12.55 6.16
CA PHE C 253 -22.18 11.12 5.95
C PHE C 253 -23.54 10.47 5.76
N GLU C 254 -24.50 10.82 6.60
CA GLU C 254 -25.82 10.23 6.48
C GLU C 254 -26.47 10.59 5.14
N ALA C 255 -26.26 11.82 4.67
CA ALA C 255 -26.82 12.20 3.37
C ALA C 255 -26.11 11.49 2.23
N LEU C 256 -24.78 11.37 2.31
CA LEU C 256 -24.05 10.67 1.26
C LEU C 256 -24.49 9.21 1.15
N ILE C 257 -24.69 8.56 2.30
CA ILE C 257 -25.12 7.16 2.28
C ILE C 257 -26.50 7.04 1.67
N LYS C 258 -27.44 7.90 2.09
CA LYS C 258 -28.80 7.81 1.59
C LYS C 258 -28.86 8.08 0.09
N GLU C 259 -27.89 8.85 -0.44
CA GLU C 259 -27.78 9.08 -1.88
C GLU C 259 -27.11 7.92 -2.61
N GLY C 260 -26.65 6.89 -1.91
CA GLY C 260 -25.98 5.78 -2.55
C GLY C 260 -24.50 6.01 -2.81
N HIS C 261 -23.90 7.02 -2.22
CA HIS C 261 -22.49 7.28 -2.45
C HIS C 261 -21.60 6.32 -1.66
N ASP C 262 -20.38 6.16 -2.16
CA ASP C 262 -19.34 5.36 -1.52
C ASP C 262 -18.68 6.25 -0.47
N ALA C 263 -19.13 6.16 0.78
CA ALA C 263 -18.64 7.03 1.83
C ALA C 263 -18.20 6.20 3.04
N LEU C 264 -17.17 6.69 3.70
CA LEU C 264 -16.59 6.06 4.87
C LEU C 264 -16.37 7.17 5.90
N MSE C 265 -16.81 6.92 7.13
CA MSE C 265 -16.60 7.91 8.18
C MSE C 265 -16.03 7.31 9.46
O MSE C 265 -16.47 6.25 9.91
CB MSE C 265 -17.91 8.63 8.52
CG MSE C 265 -17.76 9.59 9.68
SE MSE C 265 -19.26 10.78 9.98
CE MSE C 265 -18.64 11.60 11.63
N TYR C 266 -15.05 8.00 10.05
CA TYR C 266 -14.50 7.65 11.35
C TYR C 266 -14.79 8.75 12.35
N LYS C 267 -15.42 8.37 13.46
CA LYS C 267 -15.45 9.20 14.66
C LYS C 267 -14.17 8.95 15.44
N ILE C 268 -13.41 10.00 15.71
CA ILE C 268 -12.16 9.88 16.46
C ILE C 268 -12.50 10.21 17.91
N ASN C 269 -12.69 9.17 18.73
CA ASN C 269 -13.10 9.36 20.11
C ASN C 269 -12.01 10.05 20.92
N GLY C 270 -12.36 11.12 21.61
CA GLY C 270 -11.43 11.84 22.45
C GLY C 270 -10.55 12.84 21.72
N ALA C 271 -10.74 13.01 20.42
CA ALA C 271 -9.95 13.96 19.64
C ALA C 271 -10.76 15.22 19.37
N GLY C 272 -10.03 16.33 19.18
CA GLY C 272 -10.68 17.57 18.88
C GLY C 272 -10.29 18.13 17.53
N HIS C 273 -10.21 19.46 17.43
CA HIS C 273 -9.87 20.15 16.19
C HIS C 273 -8.35 20.18 16.02
N ASN C 274 -7.79 19.00 15.74
CA ASN C 274 -6.37 18.85 15.45
C ASN C 274 -6.22 17.78 14.40
N GLY C 275 -5.24 17.96 13.52
CA GLY C 275 -4.94 16.95 12.51
C GLY C 275 -4.74 15.60 13.13
N PHE C 276 -5.30 14.56 12.52
CA PHE C 276 -5.18 13.20 13.05
C PHE C 276 -3.85 12.61 12.62
N THR C 277 -2.78 13.18 13.18
CA THR C 277 -1.43 12.87 12.76
C THR C 277 -0.82 11.69 13.51
N GLN C 278 -1.59 10.99 14.32
CA GLN C 278 -1.06 9.77 14.91
C GLN C 278 -1.07 8.64 13.88
N ALA C 279 -0.20 7.65 14.10
CA ALA C 279 0.07 6.65 13.07
C ALA C 279 -1.19 5.88 12.68
N HIS C 280 -1.96 5.42 13.67
CA HIS C 280 -3.13 4.60 13.37
C HIS C 280 -4.23 5.40 12.67
N THR C 281 -4.28 6.72 12.85
CA THR C 281 -5.28 7.49 12.11
C THR C 281 -4.79 7.88 10.73
N LEU C 282 -3.49 8.20 10.59
CA LEU C 282 -2.95 8.44 9.26
C LEU C 282 -3.03 7.19 8.38
N ASP C 283 -2.95 6.00 8.99
CA ASP C 283 -3.06 4.76 8.23
C ASP C 283 -4.43 4.64 7.56
N ILE C 284 -5.47 5.20 8.17
CA ILE C 284 -6.80 5.18 7.55
C ILE C 284 -6.79 5.97 6.26
N VAL C 285 -6.17 7.16 6.27
CA VAL C 285 -6.07 7.96 5.06
C VAL C 285 -5.26 7.24 4.00
N LYS C 286 -4.16 6.60 4.40
CA LYS C 286 -3.33 5.86 3.45
C LYS C 286 -4.08 4.67 2.86
N SER C 287 -4.86 3.96 3.68
CA SER C 287 -5.64 2.85 3.16
C SER C 287 -6.70 3.32 2.18
N PHE C 288 -7.33 4.46 2.47
CA PHE C 288 -8.38 4.99 1.61
C PHE C 288 -7.82 5.34 0.23
N PHE C 289 -6.72 6.10 0.19
CA PHE C 289 -6.16 6.52 -1.09
C PHE C 289 -5.55 5.34 -1.85
N ARG C 290 -4.97 4.36 -1.14
CA ARG C 290 -4.45 3.18 -1.82
C ARG C 290 -5.57 2.43 -2.52
N LYS C 291 -6.71 2.26 -1.85
CA LYS C 291 -7.82 1.53 -2.46
C LYS C 291 -8.30 2.20 -3.74
N HIS C 292 -8.34 3.53 -3.77
CA HIS C 292 -8.99 4.21 -4.89
C HIS C 292 -8.01 4.77 -5.92
N LEU C 293 -6.77 5.07 -5.53
CA LEU C 293 -5.78 5.57 -6.48
C LEU C 293 -4.77 4.51 -6.91
N LYS C 294 -4.66 3.42 -6.17
CA LYS C 294 -3.89 2.25 -6.56
C LYS C 294 -2.43 2.55 -6.89
N PRO C 295 -1.66 3.09 -5.95
CA PRO C 295 -0.23 3.32 -6.19
C PRO C 295 0.53 2.01 -6.29
N GLY C 296 1.77 2.12 -6.76
CA GLY C 296 2.65 0.97 -6.88
C GLY C 296 2.22 -0.04 -7.92
N LYS C 297 2.53 0.22 -9.19
CA LYS C 297 2.20 -0.70 -10.27
C LYS C 297 3.28 -0.68 -11.34
N HIS C 299 6.96 0.27 -12.93
CA HIS C 299 7.19 -0.36 -14.22
C HIS C 299 8.57 -0.01 -14.78
N HIS C 300 9.09 1.17 -14.44
CA HIS C 300 10.33 1.68 -15.03
C HIS C 300 11.56 1.48 -14.14
N HIS C 301 11.48 1.89 -12.87
CA HIS C 301 12.61 1.78 -11.96
C HIS C 301 12.18 1.17 -10.63
N HIS C 302 13.13 0.54 -9.95
CA HIS C 302 12.89 0.13 -8.57
C HIS C 302 12.68 1.35 -7.68
N HIS C 303 11.99 1.14 -6.57
CA HIS C 303 11.73 2.24 -5.64
C HIS C 303 12.14 1.88 -4.21
N THR D 2 3.33 4.51 24.63
CA THR D 2 3.47 3.39 23.70
C THR D 2 2.83 2.15 24.29
N ASN D 3 2.48 2.25 25.58
CA ASN D 3 1.67 1.25 26.27
C ASN D 3 0.18 1.38 25.95
N HIS D 4 -0.15 2.10 24.88
CA HIS D 4 -1.51 2.46 24.55
C HIS D 4 -2.14 1.38 23.68
N ILE D 5 -3.27 0.85 24.11
CA ILE D 5 -4.04 -0.11 23.33
C ILE D 5 -5.00 0.65 22.42
N LYS D 6 -4.97 0.35 21.13
CA LYS D 6 -5.89 0.97 20.20
C LYS D 6 -7.25 0.30 20.29
N GLU D 7 -8.30 1.06 19.98
CA GLU D 7 -9.66 0.56 20.04
C GLU D 7 -10.39 0.93 18.75
N ILE D 8 -11.18 -0.02 18.24
CA ILE D 8 -11.97 0.20 17.05
C ILE D 8 -13.26 -0.58 17.21
N ASN D 9 -14.32 -0.12 16.57
CA ASN D 9 -15.62 -0.75 16.77
C ASN D 9 -15.84 -1.82 15.69
N TRP D 10 -17.04 -2.38 15.67
CA TRP D 10 -17.34 -3.58 14.90
C TRP D 10 -18.80 -3.54 14.53
N GLU D 11 -19.10 -3.65 13.23
CA GLU D 11 -20.49 -3.60 12.80
C GLU D 11 -21.17 -4.93 13.08
N GLN D 12 -22.32 -4.88 13.74
CA GLN D 12 -23.06 -6.09 14.09
C GLN D 12 -23.91 -6.56 12.91
N ASN D 13 -24.19 -7.88 12.91
CA ASN D 13 -25.14 -8.49 11.99
C ASN D 13 -24.79 -8.20 10.53
N THR D 14 -23.54 -8.46 10.18
CA THR D 14 -23.00 -8.17 8.86
C THR D 14 -22.30 -9.40 8.33
N ASN D 15 -22.60 -9.79 7.10
CA ASN D 15 -21.85 -10.84 6.43
C ASN D 15 -20.59 -10.24 5.83
N SER D 16 -19.43 -10.69 6.32
CA SER D 16 -18.19 -10.20 5.75
C SER D 16 -17.17 -11.30 5.50
N TYR D 17 -17.41 -12.51 5.97
CA TYR D 17 -16.49 -13.62 5.72
C TYR D 17 -16.94 -14.36 4.47
N ILE D 18 -16.06 -14.45 3.48
CA ILE D 18 -16.31 -15.24 2.29
C ILE D 18 -15.54 -16.56 2.46
N GLN D 19 -16.26 -17.67 2.45
CA GLN D 19 -15.65 -18.97 2.68
C GLN D 19 -15.47 -19.69 1.35
N LEU D 20 -14.29 -20.27 1.17
CA LEU D 20 -14.06 -21.20 0.06
C LEU D 20 -14.35 -22.61 0.55
N ILE D 21 -15.27 -23.28 -0.13
CA ILE D 21 -15.62 -24.67 0.19
C ILE D 21 -15.20 -25.53 -0.99
N PRO D 22 -14.04 -26.18 -0.93
CA PRO D 22 -13.51 -26.89 -2.11
C PRO D 22 -13.95 -28.35 -2.17
N ASN D 23 -13.81 -28.91 -3.38
CA ASN D 23 -13.90 -30.36 -3.59
C ASN D 23 -15.27 -30.92 -3.23
N ILE D 24 -16.32 -30.18 -3.53
CA ILE D 24 -17.67 -30.71 -3.36
C ILE D 24 -17.97 -31.67 -4.50
N GLU D 25 -18.20 -32.94 -4.18
CA GLU D 25 -18.54 -33.91 -5.21
C GLU D 25 -19.98 -33.68 -5.68
N TYR D 26 -20.16 -33.41 -6.97
CA TYR D 26 -21.51 -33.19 -7.50
C TYR D 26 -22.03 -34.34 -8.34
N THR D 27 -21.16 -35.25 -8.79
CA THR D 27 -21.63 -36.46 -9.46
C THR D 27 -20.49 -37.47 -9.45
N LYS D 28 -20.83 -38.70 -9.85
CA LYS D 28 -19.86 -39.77 -10.00
C LYS D 28 -20.22 -40.55 -11.26
N VAL D 29 -19.29 -40.56 -12.21
CA VAL D 29 -19.38 -41.42 -13.39
C VAL D 29 -18.28 -42.47 -13.26
N GLU D 30 -18.63 -43.72 -13.58
CA GLU D 30 -17.85 -44.92 -13.21
C GLU D 30 -17.28 -44.78 -11.80
N ASP D 31 -15.96 -44.78 -11.68
CA ASP D 31 -15.28 -44.55 -10.41
C ASP D 31 -14.74 -43.13 -10.29
N THR D 32 -15.03 -42.28 -11.28
CA THR D 32 -14.51 -40.91 -11.33
C THR D 32 -15.52 -39.98 -10.70
N SER D 33 -15.16 -39.35 -9.59
CA SER D 33 -16.00 -38.33 -9.01
C SER D 33 -15.60 -36.96 -9.58
N LEU D 34 -16.61 -36.14 -9.85
CA LEU D 34 -16.41 -34.79 -10.37
C LEU D 34 -16.77 -33.79 -9.28
N THR D 35 -15.96 -32.75 -9.14
CA THR D 35 -16.13 -31.84 -8.02
C THR D 35 -16.32 -30.41 -8.51
N LEU D 36 -16.78 -29.58 -7.59
CA LEU D 36 -16.84 -28.15 -7.81
C LEU D 36 -16.35 -27.48 -6.53
N HIS D 37 -15.86 -26.25 -6.68
CA HIS D 37 -15.47 -25.42 -5.56
C HIS D 37 -16.47 -24.29 -5.42
N LEU D 38 -16.85 -23.97 -4.19
CA LEU D 38 -17.89 -22.99 -3.93
C LEU D 38 -17.35 -21.83 -3.11
N LEU D 39 -17.79 -20.62 -3.48
CA LEU D 39 -17.49 -19.41 -2.73
C LEU D 39 -18.82 -18.79 -2.30
N VAL D 40 -18.91 -18.41 -1.02
CA VAL D 40 -20.19 -17.96 -0.46
C VAL D 40 -19.90 -17.16 0.79
N TYR D 41 -20.74 -16.16 1.06
CA TYR D 41 -20.73 -15.50 2.37
C TYR D 41 -21.11 -16.50 3.45
N ARG D 42 -20.12 -16.93 4.24
CA ARG D 42 -20.36 -17.87 5.33
C ARG D 42 -19.23 -17.70 6.32
N ASN D 43 -19.59 -17.45 7.58
CA ASN D 43 -18.62 -17.41 8.66
C ASN D 43 -18.46 -18.83 9.21
N PRO D 44 -17.32 -19.50 9.04
CA PRO D 44 -17.21 -20.89 9.50
C PRO D 44 -17.41 -21.05 11.00
N MSE D 45 -17.26 -20.00 11.79
CA MSE D 45 -17.54 -20.10 13.22
C MSE D 45 -18.99 -20.47 13.51
O MSE D 45 -19.28 -21.10 14.53
CB MSE D 45 -17.20 -18.79 13.94
CG MSE D 45 -15.73 -18.49 14.05
SE MSE D 45 -14.74 -19.77 15.15
CE MSE D 45 -13.10 -18.70 15.26
N ASP D 46 -19.90 -20.07 12.62
CA ASP D 46 -21.32 -20.31 12.89
C ASP D 46 -21.64 -21.79 12.90
N ALA D 47 -21.11 -22.55 11.94
CA ALA D 47 -21.35 -23.99 11.94
C ALA D 47 -20.64 -24.67 13.11
N LEU D 48 -19.40 -24.26 13.39
CA LEU D 48 -18.64 -24.88 14.48
C LEU D 48 -19.34 -24.74 15.80
N PHE D 49 -19.98 -23.60 16.05
CA PHE D 49 -20.65 -23.36 17.31
C PHE D 49 -22.17 -23.40 17.19
N ASN D 50 -22.69 -24.10 16.17
CA ASN D 50 -24.12 -24.35 16.00
C ASN D 50 -24.95 -23.08 16.11
N ARG D 51 -24.46 -22.02 15.49
CA ARG D 51 -25.18 -20.76 15.47
C ARG D 51 -25.98 -20.64 14.18
N LYS D 52 -27.02 -19.83 14.23
CA LYS D 52 -27.82 -19.59 13.03
C LYS D 52 -26.94 -18.97 11.95
N GLY D 53 -26.90 -19.61 10.80
CA GLY D 53 -26.04 -19.17 9.72
C GLY D 53 -26.63 -18.01 8.96
N ASN D 54 -25.99 -17.72 7.83
CA ASN D 54 -26.48 -16.72 6.89
C ASN D 54 -27.73 -17.25 6.20
N GLN D 55 -28.84 -16.51 6.31
CA GLN D 55 -30.10 -16.91 5.70
C GLN D 55 -30.33 -16.32 4.31
N GLU D 56 -29.49 -15.37 3.88
CA GLU D 56 -29.67 -14.76 2.59
C GLU D 56 -29.42 -15.76 1.46
N THR D 57 -30.13 -15.58 0.36
CA THR D 57 -29.87 -16.30 -0.88
C THR D 57 -29.32 -15.34 -1.92
N TYR D 58 -28.47 -15.87 -2.79
CA TYR D 58 -27.78 -15.06 -3.77
C TYR D 58 -27.91 -15.70 -5.14
N PRO D 59 -27.95 -14.90 -6.21
CA PRO D 59 -27.80 -15.45 -7.54
C PRO D 59 -26.46 -16.18 -7.67
N LEU D 60 -26.42 -17.14 -8.57
CA LEU D 60 -25.28 -18.05 -8.71
C LEU D 60 -24.56 -17.80 -10.02
N ILE D 61 -23.23 -17.78 -9.96
CA ILE D 61 -22.39 -17.75 -11.15
C ILE D 61 -21.55 -19.02 -11.15
N ILE D 62 -21.65 -19.78 -12.23
CA ILE D 62 -20.83 -20.97 -12.42
C ILE D 62 -19.68 -20.61 -13.33
N TYR D 63 -18.46 -20.92 -12.92
CA TYR D 63 -17.28 -20.71 -13.75
C TYR D 63 -16.80 -22.05 -14.31
N LEU D 64 -16.51 -22.07 -15.61
CA LEU D 64 -16.01 -23.27 -16.30
C LEU D 64 -14.61 -22.96 -16.81
N GLN D 65 -13.61 -23.45 -16.09
CA GLN D 65 -12.22 -23.28 -16.51
C GLN D 65 -11.94 -24.05 -17.79
N GLY D 66 -11.33 -23.37 -18.78
CA GLY D 66 -10.94 -24.04 -19.99
C GLY D 66 -9.65 -24.85 -19.82
N CYS D 67 -9.46 -25.81 -20.71
CA CYS D 67 -8.34 -26.74 -20.63
C CYS D 67 -8.17 -27.50 -21.94
N GLY D 68 -8.77 -27.01 -23.02
CA GLY D 68 -8.80 -27.78 -24.25
C GLY D 68 -9.56 -29.09 -24.12
N TRP D 69 -10.58 -29.12 -23.26
CA TRP D 69 -11.30 -30.35 -22.91
C TRP D 69 -10.33 -31.49 -22.60
N GLY D 70 -9.28 -31.17 -21.85
CA GLY D 70 -8.33 -32.19 -21.43
C GLY D 70 -6.98 -32.14 -22.11
N TRP D 71 -6.78 -31.26 -23.09
CA TRP D 71 -5.43 -31.04 -23.63
C TRP D 71 -4.44 -30.83 -22.51
N THR D 72 -4.82 -30.06 -21.50
CA THR D 72 -4.17 -30.04 -20.20
C THR D 72 -5.21 -30.44 -19.15
N LYS D 73 -4.73 -30.95 -18.02
CA LYS D 73 -5.66 -31.34 -16.97
C LYS D 73 -6.35 -30.11 -16.40
N GLN D 74 -7.68 -30.15 -16.37
CA GLN D 74 -8.44 -28.98 -15.96
C GLN D 74 -8.12 -28.61 -14.52
N ASP D 75 -7.77 -27.35 -14.31
CA ASP D 75 -7.41 -26.83 -13.00
C ASP D 75 -8.56 -25.91 -12.57
N THR D 76 -9.47 -26.45 -11.74
CA THR D 76 -10.62 -25.69 -11.28
C THR D 76 -10.32 -24.74 -10.13
N SER D 77 -9.11 -24.80 -9.56
CA SER D 77 -8.76 -23.89 -8.47
C SER D 77 -8.08 -22.61 -8.97
N ALA D 78 -7.40 -22.68 -10.13
CA ALA D 78 -6.51 -21.61 -10.53
C ALA D 78 -7.18 -20.25 -10.57
N PHE D 79 -8.40 -20.18 -11.11
CA PHE D 79 -9.07 -18.91 -11.33
C PHE D 79 -9.81 -18.39 -10.11
N ILE D 80 -9.87 -19.16 -9.03
CA ILE D 80 -10.69 -18.84 -7.85
C ILE D 80 -10.41 -17.43 -7.31
N PRO D 81 -9.16 -16.94 -7.26
CA PRO D 81 -8.97 -15.57 -6.76
C PRO D 81 -9.70 -14.50 -7.56
N GLN D 82 -9.91 -14.72 -8.86
CA GLN D 82 -10.68 -13.76 -9.66
C GLN D 82 -12.18 -13.88 -9.40
N LEU D 83 -12.63 -15.02 -8.88
CA LEU D 83 -14.05 -15.18 -8.58
C LEU D 83 -14.44 -14.55 -7.26
N VAL D 84 -13.47 -14.39 -6.34
CA VAL D 84 -13.77 -13.84 -5.02
C VAL D 84 -14.45 -12.48 -5.08
N PRO D 85 -13.98 -11.50 -5.86
CA PRO D 85 -14.68 -10.21 -5.92
C PRO D 85 -16.09 -10.31 -6.48
N PHE D 86 -16.46 -11.42 -7.13
CA PHE D 86 -17.84 -11.56 -7.56
C PHE D 86 -18.75 -11.90 -6.39
N VAL D 87 -18.26 -12.69 -5.42
CA VAL D 87 -19.02 -12.89 -4.20
C VAL D 87 -19.32 -11.57 -3.52
N GLU D 88 -18.33 -10.66 -3.50
CA GLU D 88 -18.53 -9.36 -2.86
C GLU D 88 -19.65 -8.57 -3.51
N GLN D 89 -19.90 -8.79 -4.79
CA GLN D 89 -21.01 -8.16 -5.49
C GLN D 89 -22.36 -8.75 -5.13
N GLY D 90 -22.40 -9.82 -4.32
CA GLY D 90 -23.65 -10.44 -3.93
C GLY D 90 -24.00 -11.68 -4.72
N TYR D 91 -23.02 -12.54 -4.98
CA TYR D 91 -23.23 -13.82 -5.64
C TYR D 91 -22.70 -14.96 -4.80
N VAL D 92 -23.23 -16.15 -5.07
CA VAL D 92 -22.51 -17.40 -4.82
C VAL D 92 -21.82 -17.78 -6.11
N VAL D 93 -20.59 -18.29 -6.02
CA VAL D 93 -19.84 -18.68 -7.19
C VAL D 93 -19.36 -20.12 -7.01
N ALA D 94 -19.48 -20.90 -8.09
CA ALA D 94 -18.99 -22.27 -8.14
C ALA D 94 -18.08 -22.41 -9.36
N SER D 95 -16.93 -23.05 -9.16
CA SER D 95 -16.04 -23.42 -10.25
C SER D 95 -16.16 -24.93 -10.44
N VAL D 96 -16.50 -25.35 -11.65
CA VAL D 96 -17.02 -26.69 -11.92
C VAL D 96 -16.02 -27.48 -12.76
N GLN D 97 -15.76 -28.72 -12.35
CA GLN D 97 -14.93 -29.65 -13.10
C GLN D 97 -15.77 -30.41 -14.13
N TYR D 98 -15.22 -30.61 -15.32
CA TYR D 98 -15.83 -31.51 -16.30
C TYR D 98 -14.76 -32.44 -16.84
N ARG D 99 -15.22 -33.57 -17.38
CA ARG D 99 -14.30 -34.62 -17.82
C ARG D 99 -13.54 -34.22 -19.07
N GLY D 100 -12.29 -34.66 -19.15
CA GLY D 100 -11.53 -34.48 -20.36
C GLY D 100 -11.91 -35.47 -21.43
N SER D 101 -11.53 -35.15 -22.68
CA SER D 101 -11.87 -36.01 -23.82
C SER D 101 -11.13 -37.33 -23.76
N GLY D 102 -10.02 -37.41 -23.01
CA GLY D 102 -9.40 -38.69 -22.77
C GLY D 102 -10.23 -39.63 -21.93
N GLU D 103 -11.25 -39.11 -21.24
CA GLU D 103 -12.15 -39.93 -20.45
C GLU D 103 -13.44 -40.25 -21.19
N ALA D 104 -13.98 -39.32 -21.97
CA ALA D 104 -15.16 -39.59 -22.78
C ALA D 104 -15.32 -38.46 -23.80
N VAL D 105 -15.89 -38.82 -24.95
CA VAL D 105 -16.06 -37.84 -26.01
C VAL D 105 -17.33 -37.03 -25.76
N PHE D 106 -17.43 -35.90 -26.45
CA PHE D 106 -18.63 -35.10 -26.42
C PHE D 106 -19.83 -35.97 -26.76
N PRO D 107 -20.99 -35.78 -26.12
CA PRO D 107 -21.40 -34.71 -25.20
C PRO D 107 -21.12 -34.92 -23.71
N ALA D 108 -20.17 -35.80 -23.36
CA ALA D 108 -19.91 -36.08 -21.96
C ALA D 108 -19.59 -34.80 -21.19
N GLN D 109 -18.81 -33.90 -21.79
CA GLN D 109 -18.47 -32.64 -21.13
C GLN D 109 -19.72 -31.82 -20.84
N LEU D 110 -20.67 -31.79 -21.78
CA LEU D 110 -21.91 -31.06 -21.56
C LEU D 110 -22.77 -31.73 -20.50
N HIS D 111 -22.87 -33.06 -20.56
CA HIS D 111 -23.55 -33.83 -19.51
C HIS D 111 -23.04 -33.42 -18.14
N ASP D 112 -21.72 -33.29 -17.99
CA ASP D 112 -21.15 -32.94 -16.69
C ASP D 112 -21.63 -31.57 -16.22
N VAL D 113 -21.50 -30.55 -17.05
CA VAL D 113 -21.84 -29.21 -16.57
C VAL D 113 -23.36 -29.04 -16.45
N LYS D 114 -24.15 -29.71 -17.30
CA LYS D 114 -25.59 -29.74 -17.07
C LYS D 114 -25.92 -30.33 -15.71
N THR D 115 -25.26 -31.43 -15.36
CA THR D 115 -25.51 -32.07 -14.08
C THR D 115 -25.06 -31.18 -12.92
N ALA D 116 -23.96 -30.44 -13.10
CA ALA D 116 -23.52 -29.52 -12.05
C ALA D 116 -24.55 -28.42 -11.82
N VAL D 117 -25.13 -27.89 -12.90
CA VAL D 117 -26.19 -26.89 -12.76
C VAL D 117 -27.33 -27.45 -11.93
N ARG D 118 -27.80 -28.66 -12.28
CA ARG D 118 -28.93 -29.24 -11.58
C ARG D 118 -28.58 -29.56 -10.14
N PHE D 119 -27.36 -30.04 -9.89
CA PHE D 119 -26.93 -30.30 -8.52
C PHE D 119 -26.96 -29.03 -7.69
N LEU D 120 -26.50 -27.92 -8.27
CA LEU D 120 -26.44 -26.66 -7.52
C LEU D 120 -27.83 -26.11 -7.28
N LYS D 121 -28.73 -26.26 -8.26
CA LYS D 121 -30.11 -25.82 -8.06
C LYS D 121 -30.83 -26.70 -7.06
N ALA D 122 -30.67 -28.02 -7.17
CA ALA D 122 -31.38 -28.93 -6.28
C ALA D 122 -30.95 -28.75 -4.83
N ASN D 123 -29.64 -28.61 -4.60
CA ASN D 123 -29.11 -28.40 -3.27
C ASN D 123 -28.98 -26.92 -2.91
N ALA D 124 -29.81 -26.06 -3.49
CA ALA D 124 -29.60 -24.62 -3.40
C ALA D 124 -29.60 -24.12 -1.96
N ALA D 125 -30.54 -24.61 -1.15
CA ALA D 125 -30.77 -23.99 0.16
C ALA D 125 -29.54 -24.09 1.06
N ARG D 126 -28.83 -25.22 0.99
CA ARG D 126 -27.67 -25.36 1.86
C ARG D 126 -26.45 -24.58 1.35
N TYR D 127 -26.53 -23.98 0.17
CA TYR D 127 -25.44 -23.18 -0.39
C TYR D 127 -25.81 -21.72 -0.56
N ASN D 128 -26.92 -21.28 0.06
CA ASN D 128 -27.39 -19.90 -0.01
C ASN D 128 -27.65 -19.45 -1.45
N ILE D 129 -28.04 -20.38 -2.32
CA ILE D 129 -28.23 -20.10 -3.75
C ILE D 129 -29.70 -19.81 -4.02
N ASP D 130 -29.95 -18.79 -4.85
CA ASP D 130 -31.27 -18.62 -5.46
C ASP D 130 -31.29 -19.39 -6.78
N PRO D 131 -31.96 -20.54 -6.85
CA PRO D 131 -31.85 -21.37 -8.07
C PRO D 131 -32.52 -20.77 -9.30
N ASP D 132 -33.28 -19.69 -9.15
CA ASP D 132 -33.94 -19.05 -10.29
C ASP D 132 -33.05 -18.08 -11.04
N ARG D 133 -31.84 -17.79 -10.54
CA ARG D 133 -30.95 -16.80 -11.14
C ARG D 133 -29.55 -17.41 -11.23
N VAL D 134 -29.22 -17.99 -12.38
CA VAL D 134 -27.98 -18.74 -12.55
C VAL D 134 -27.28 -18.24 -13.81
N GLY D 135 -26.06 -17.75 -13.66
CA GLY D 135 -25.24 -17.40 -14.79
C GLY D 135 -24.11 -18.39 -14.96
N VAL D 136 -23.58 -18.51 -16.17
CA VAL D 136 -22.43 -19.37 -16.41
C VAL D 136 -21.40 -18.58 -17.21
N TRP D 137 -20.14 -18.86 -16.94
CA TRP D 137 -19.02 -18.08 -17.44
C TRP D 137 -17.85 -19.04 -17.61
N GLY D 138 -17.22 -19.01 -18.78
CA GLY D 138 -16.09 -19.88 -19.02
C GLY D 138 -15.13 -19.30 -20.03
N ASP D 139 -13.89 -19.79 -19.99
CA ASP D 139 -12.87 -19.38 -20.94
C ASP D 139 -12.48 -20.56 -21.82
N SER D 140 -12.12 -20.25 -23.07
CA SER D 140 -11.79 -21.24 -24.10
C SER D 140 -12.76 -22.41 -24.07
N SER D 141 -12.27 -23.63 -23.75
CA SER D 141 -13.18 -24.78 -23.81
C SER D 141 -14.31 -24.65 -22.79
N GLY D 142 -14.06 -23.95 -21.68
CA GLY D 142 -15.14 -23.64 -20.77
C GLY D 142 -16.15 -22.65 -21.32
N GLY D 143 -15.69 -21.69 -22.13
CA GLY D 143 -16.62 -20.79 -22.79
C GLY D 143 -17.46 -21.52 -23.82
N HIS D 144 -16.86 -22.50 -24.49
CA HIS D 144 -17.58 -23.35 -25.42
C HIS D 144 -18.71 -24.09 -24.71
N LEU D 145 -18.42 -24.67 -23.53
CA LEU D 145 -19.46 -25.34 -22.76
C LEU D 145 -20.48 -24.36 -22.20
N ALA D 146 -20.04 -23.16 -21.80
CA ALA D 146 -20.97 -22.15 -21.31
C ALA D 146 -21.99 -21.79 -22.38
N LEU D 147 -21.51 -21.56 -23.61
CA LEU D 147 -22.40 -21.30 -24.74
C LEU D 147 -23.39 -22.44 -24.92
N LEU D 148 -22.92 -23.68 -24.81
CA LEU D 148 -23.82 -24.82 -25.04
C LEU D 148 -24.87 -24.92 -23.94
N LEU D 149 -24.52 -24.59 -22.70
CA LEU D 149 -25.54 -24.51 -21.66
C LEU D 149 -26.63 -23.50 -22.02
N GLY D 150 -26.24 -22.40 -22.68
CA GLY D 150 -27.23 -21.41 -23.04
C GLY D 150 -28.07 -21.82 -24.24
N LEU D 151 -27.48 -22.52 -25.20
CA LEU D 151 -28.11 -22.75 -26.49
C LEU D 151 -28.76 -24.12 -26.63
N THR D 152 -28.56 -25.05 -25.68
CA THR D 152 -29.08 -26.40 -25.81
C THR D 152 -30.06 -26.73 -24.70
N GLU D 153 -30.61 -25.72 -24.05
CA GLU D 153 -31.64 -25.92 -23.03
C GLU D 153 -32.80 -26.74 -23.56
N GLY D 154 -33.16 -27.79 -22.85
CA GLY D 154 -34.28 -28.63 -23.22
C GLY D 154 -33.99 -29.74 -24.20
N ILE D 155 -32.73 -29.91 -24.61
CA ILE D 155 -32.35 -31.01 -25.49
C ILE D 155 -32.04 -32.21 -24.60
N GLU D 156 -32.88 -33.25 -24.70
CA GLU D 156 -32.83 -34.34 -23.73
C GLU D 156 -31.51 -35.10 -23.80
N GLU D 157 -30.98 -35.31 -25.00
CA GLU D 157 -29.76 -36.10 -25.14
C GLU D 157 -28.54 -35.42 -24.52
N PHE D 158 -28.66 -34.14 -24.14
CA PHE D 158 -27.55 -33.43 -23.53
C PHE D 158 -27.70 -33.27 -22.02
N GLU D 159 -28.77 -33.80 -21.43
CA GLU D 159 -28.99 -33.62 -20.00
C GLU D 159 -28.01 -34.44 -19.17
N GLY D 160 -27.65 -35.63 -19.64
CA GLY D 160 -26.77 -36.51 -18.90
C GLY D 160 -27.52 -37.54 -18.08
N PRO D 161 -26.93 -37.93 -16.95
CA PRO D 161 -27.50 -39.03 -16.17
C PRO D 161 -28.81 -38.64 -15.50
N ASP D 162 -29.48 -39.67 -14.98
CA ASP D 162 -30.77 -39.53 -14.30
C ASP D 162 -30.52 -39.03 -12.86
N GLU D 163 -30.14 -37.76 -12.76
CA GLU D 163 -29.79 -37.15 -11.49
C GLU D 163 -30.34 -35.73 -11.44
N TYR D 164 -31.07 -35.42 -10.37
CA TYR D 164 -31.64 -34.08 -10.16
C TYR D 164 -32.45 -33.64 -11.38
N ARG D 165 -33.15 -34.59 -12.00
CA ARG D 165 -33.95 -34.27 -13.18
C ARG D 165 -35.20 -33.47 -12.85
N HIS D 166 -35.51 -33.28 -11.58
CA HIS D 166 -36.67 -32.47 -11.20
C HIS D 166 -36.39 -30.98 -11.24
N VAL D 167 -35.14 -30.57 -11.49
CA VAL D 167 -34.81 -29.18 -11.74
C VAL D 167 -34.29 -29.05 -13.16
N SER D 168 -34.42 -27.84 -13.71
CA SER D 168 -33.94 -27.55 -15.04
C SER D 168 -32.45 -27.23 -15.03
N SER D 169 -31.79 -27.51 -16.15
CA SER D 169 -30.40 -27.11 -16.33
C SER D 169 -30.28 -25.82 -17.13
N LYS D 170 -31.35 -25.06 -17.25
CA LYS D 170 -31.27 -23.78 -17.93
C LYS D 170 -30.41 -22.81 -17.14
N VAL D 171 -29.75 -21.91 -17.85
CA VAL D 171 -29.02 -20.81 -17.23
C VAL D 171 -29.63 -19.52 -17.75
N ASP D 172 -29.39 -18.44 -17.00
CA ASP D 172 -30.06 -17.19 -17.27
C ASP D 172 -29.14 -16.14 -17.89
N ALA D 173 -27.85 -16.43 -18.04
CA ALA D 173 -26.90 -15.51 -18.65
C ALA D 173 -25.61 -16.27 -18.90
N VAL D 174 -24.97 -15.98 -20.02
CA VAL D 174 -23.77 -16.68 -20.46
C VAL D 174 -22.68 -15.66 -20.78
N ALA D 175 -21.51 -15.85 -20.17
CA ALA D 175 -20.33 -15.03 -20.44
C ALA D 175 -19.28 -15.94 -21.09
N ASP D 176 -18.83 -15.56 -22.27
CA ASP D 176 -17.97 -16.42 -23.09
C ASP D 176 -16.67 -15.69 -23.36
N TRP D 177 -15.58 -16.19 -22.78
CA TRP D 177 -14.22 -15.72 -23.05
C TRP D 177 -13.58 -16.65 -24.08
N PHE D 178 -13.41 -16.14 -25.29
CA PHE D 178 -12.74 -16.83 -26.41
C PHE D 178 -13.02 -18.33 -26.44
N GLY D 179 -14.31 -18.67 -26.44
CA GLY D 179 -14.70 -20.06 -26.55
C GLY D 179 -14.81 -20.49 -27.99
N PRO D 180 -14.38 -21.72 -28.30
CA PRO D 180 -14.61 -22.28 -29.63
C PRO D 180 -16.09 -22.32 -29.97
N VAL D 181 -16.40 -22.00 -31.23
CA VAL D 181 -17.76 -21.75 -31.68
C VAL D 181 -18.17 -22.69 -32.81
N ASP D 182 -17.29 -22.88 -33.79
CA ASP D 182 -17.59 -23.67 -34.98
C ASP D 182 -16.33 -24.49 -35.23
N LEU D 183 -16.38 -25.78 -34.89
CA LEU D 183 -15.20 -26.62 -34.98
C LEU D 183 -14.68 -26.75 -36.41
N LEU D 184 -15.57 -26.63 -37.39
CA LEU D 184 -15.15 -26.81 -38.78
C LEU D 184 -14.54 -25.56 -39.39
N SER D 185 -14.74 -24.38 -38.78
CA SER D 185 -14.21 -23.15 -39.33
C SER D 185 -12.96 -22.65 -38.60
N MSE D 186 -12.53 -23.36 -37.56
CA MSE D 186 -11.40 -22.92 -36.76
C MSE D 186 -10.08 -22.84 -37.52
O MSE D 186 -9.29 -21.92 -37.30
CB MSE D 186 -11.24 -23.84 -35.56
CG MSE D 186 -12.41 -23.75 -34.63
SE MSE D 186 -11.72 -23.43 -32.87
CE MSE D 186 -10.52 -24.85 -32.98
N SER D 187 -9.85 -23.81 -38.40
CA SER D 187 -8.58 -23.85 -39.12
C SER D 187 -8.50 -22.83 -40.25
N LYS D 188 -9.57 -22.05 -40.48
CA LYS D 188 -9.54 -21.03 -41.54
C LYS D 188 -8.59 -19.90 -41.22
N TYR D 189 -8.29 -19.66 -39.95
CA TYR D 189 -7.49 -18.52 -39.55
C TYR D 189 -6.26 -19.00 -38.79
N PRO D 190 -5.22 -18.16 -38.69
CA PRO D 190 -3.97 -18.63 -38.09
C PRO D 190 -4.13 -19.02 -36.63
N SER D 191 -3.36 -20.03 -36.23
CA SER D 191 -3.30 -20.51 -34.87
C SER D 191 -1.98 -21.24 -34.69
N ILE D 192 -1.50 -21.31 -33.44
CA ILE D 192 -0.35 -22.14 -33.16
C ILE D 192 -0.73 -23.62 -33.15
N PHE D 193 -2.02 -23.92 -32.95
CA PHE D 193 -2.55 -25.27 -33.09
C PHE D 193 -2.92 -25.54 -34.53
N ASP D 194 -2.73 -26.79 -34.96
CA ASP D 194 -3.40 -27.32 -36.15
C ASP D 194 -4.71 -27.92 -35.69
N HIS D 195 -5.79 -27.15 -35.76
CA HIS D 195 -7.04 -27.60 -35.18
C HIS D 195 -7.69 -28.72 -35.98
N ASP D 196 -7.26 -28.95 -37.22
CA ASP D 196 -7.77 -30.03 -38.04
C ASP D 196 -7.02 -31.34 -37.83
N SER D 197 -5.91 -31.32 -37.10
CA SER D 197 -5.19 -32.54 -36.80
C SER D 197 -6.06 -33.49 -35.98
N PRO D 198 -5.96 -34.80 -36.20
CA PRO D 198 -6.66 -35.74 -35.32
C PRO D 198 -6.21 -35.68 -33.88
N ASN D 199 -5.05 -35.06 -33.61
CA ASN D 199 -4.56 -34.87 -32.26
C ASN D 199 -4.90 -33.49 -31.70
N SER D 200 -5.68 -32.69 -32.43
CA SER D 200 -6.08 -31.39 -31.91
C SER D 200 -7.06 -31.57 -30.76
N PRO D 201 -7.17 -30.58 -29.88
CA PRO D 201 -8.17 -30.67 -28.81
C PRO D 201 -9.58 -30.85 -29.33
N GLU D 202 -9.90 -30.24 -30.47
CA GLU D 202 -11.24 -30.37 -31.04
C GLU D 202 -11.48 -31.76 -31.59
N SER D 203 -10.50 -32.33 -32.30
CA SER D 203 -10.66 -33.67 -32.85
C SER D 203 -10.79 -34.70 -31.73
N LYS D 204 -10.01 -34.53 -30.66
CA LYS D 204 -10.12 -35.45 -29.53
C LYS D 204 -11.46 -35.30 -28.85
N LEU D 205 -11.99 -34.08 -28.79
CA LEU D 205 -13.31 -33.85 -28.19
C LEU D 205 -14.38 -34.72 -28.83
N ILE D 206 -14.35 -34.89 -30.16
CA ILE D 206 -15.39 -35.62 -30.86
C ILE D 206 -14.95 -37.02 -31.29
N GLY D 207 -13.68 -37.38 -31.09
CA GLY D 207 -13.21 -38.72 -31.42
C GLY D 207 -12.72 -38.91 -32.84
N GLY D 208 -12.36 -37.86 -33.54
CA GLY D 208 -11.78 -38.00 -34.87
C GLY D 208 -11.52 -36.63 -35.45
N ALA D 209 -10.64 -36.62 -36.47
CA ALA D 209 -10.29 -35.37 -37.15
C ALA D 209 -11.55 -34.64 -37.61
N VAL D 210 -11.67 -33.37 -37.23
CA VAL D 210 -12.95 -32.66 -37.33
C VAL D 210 -13.43 -32.58 -38.78
N GLN D 211 -12.54 -32.28 -39.72
CA GLN D 211 -12.98 -32.15 -41.11
C GLN D 211 -13.47 -33.46 -41.69
N GLU D 212 -13.07 -34.60 -41.11
CA GLU D 212 -13.44 -35.91 -41.58
C GLU D 212 -14.60 -36.51 -40.79
N ASN D 213 -15.18 -35.76 -39.86
CA ASN D 213 -16.25 -36.26 -39.00
C ASN D 213 -17.20 -35.08 -38.75
N ARG D 214 -17.83 -34.64 -39.83
CA ARG D 214 -18.48 -33.35 -39.83
C ARG D 214 -19.77 -33.35 -39.03
N VAL D 215 -20.54 -34.44 -39.09
CA VAL D 215 -21.76 -34.52 -38.29
C VAL D 215 -21.44 -34.36 -36.82
N GLN D 216 -20.45 -35.11 -36.32
N GLN D 216 -20.45 -35.12 -36.32
CA GLN D 216 -20.10 -34.99 -34.90
CA GLN D 216 -20.08 -35.01 -34.91
C GLN D 216 -19.45 -33.65 -34.60
C GLN D 216 -19.44 -33.67 -34.60
N ALA D 217 -18.71 -33.09 -35.56
CA ALA D 217 -18.11 -31.78 -35.34
C ALA D 217 -19.18 -30.71 -35.20
N LYS D 218 -20.20 -30.75 -36.04
CA LYS D 218 -21.30 -29.80 -35.92
C LYS D 218 -22.10 -30.02 -34.65
N GLN D 219 -22.31 -31.28 -34.27
CA GLN D 219 -23.03 -31.54 -33.03
C GLN D 219 -22.36 -30.88 -31.83
N ALA D 220 -21.03 -30.78 -31.86
CA ALA D 220 -20.28 -30.20 -30.75
C ALA D 220 -20.00 -28.72 -30.93
N SER D 221 -20.62 -28.07 -31.91
CA SER D 221 -20.34 -26.67 -32.19
C SER D 221 -21.48 -25.79 -31.71
N PRO D 222 -21.22 -24.83 -30.81
CA PRO D 222 -22.25 -23.84 -30.44
C PRO D 222 -22.97 -23.21 -31.63
N ILE D 223 -22.27 -22.99 -32.74
CA ILE D 223 -22.89 -22.33 -33.89
C ILE D 223 -24.09 -23.12 -34.40
N SER D 224 -24.13 -24.43 -34.14
CA SER D 224 -25.22 -25.27 -34.64
C SER D 224 -26.55 -25.02 -33.93
N TYR D 225 -26.53 -24.29 -32.81
CA TYR D 225 -27.73 -24.13 -31.99
C TYR D 225 -28.19 -22.68 -31.88
N VAL D 226 -27.66 -21.77 -32.69
CA VAL D 226 -28.03 -20.36 -32.55
C VAL D 226 -29.50 -20.12 -32.89
N HIS D 227 -30.14 -21.02 -33.62
CA HIS D 227 -31.55 -20.82 -33.96
C HIS D 227 -32.47 -21.10 -32.78
N ARG D 228 -31.97 -21.69 -31.70
CA ARG D 228 -32.79 -22.01 -30.55
C ARG D 228 -32.90 -20.80 -29.62
N GLU D 229 -33.80 -20.90 -28.66
CA GLU D 229 -33.90 -19.86 -27.64
C GLU D 229 -32.64 -19.86 -26.79
N ALA D 230 -32.31 -18.70 -26.25
CA ALA D 230 -31.05 -18.55 -25.53
C ALA D 230 -31.17 -17.41 -24.53
N PRO D 231 -30.48 -17.49 -23.41
CA PRO D 231 -30.38 -16.35 -22.51
C PRO D 231 -29.45 -15.31 -23.12
N PRO D 232 -29.37 -14.12 -22.53
CA PRO D 232 -28.39 -13.13 -23.01
C PRO D 232 -26.97 -13.68 -22.96
N ILE D 233 -26.16 -13.28 -23.93
CA ILE D 233 -24.83 -13.82 -24.13
C ILE D 233 -23.83 -12.66 -24.23
N LEU D 234 -22.75 -12.76 -23.46
CA LEU D 234 -21.63 -11.84 -23.54
C LEU D 234 -20.44 -12.55 -24.15
N ILE D 235 -19.82 -11.95 -25.16
CA ILE D 235 -18.67 -12.52 -25.86
C ILE D 235 -17.50 -11.57 -25.73
N MSE D 236 -16.35 -12.10 -25.34
CA MSE D 236 -15.12 -11.30 -25.30
C MSE D 236 -13.97 -12.08 -25.88
O MSE D 236 -13.79 -13.26 -25.57
CB MSE D 236 -14.81 -10.85 -23.86
CG MSE D 236 -15.88 -9.90 -23.31
SE MSE D 236 -15.72 -9.54 -21.40
CE MSE D 236 -14.01 -8.60 -21.42
N HIS D 237 -13.18 -11.45 -26.75
CA HIS D 237 -12.15 -12.16 -27.48
C HIS D 237 -11.04 -11.20 -27.88
N GLY D 238 -9.80 -11.62 -27.65
CA GLY D 238 -8.66 -10.78 -28.01
C GLY D 238 -8.32 -10.93 -29.49
N ASP D 239 -7.95 -9.83 -30.12
CA ASP D 239 -7.67 -9.88 -31.54
C ASP D 239 -6.27 -10.43 -31.87
N GLN D 240 -5.48 -10.79 -30.86
CA GLN D 240 -4.20 -11.46 -31.07
C GLN D 240 -4.22 -12.91 -30.60
N ASP D 241 -5.39 -13.46 -30.31
CA ASP D 241 -5.49 -14.83 -29.81
C ASP D 241 -4.94 -15.79 -30.86
N ASP D 242 -3.85 -16.48 -30.53
CA ASP D 242 -3.25 -17.43 -31.44
C ASP D 242 -3.64 -18.87 -31.12
N VAL D 243 -4.64 -19.06 -30.27
CA VAL D 243 -5.16 -20.38 -29.92
C VAL D 243 -6.56 -20.58 -30.47
N VAL D 244 -7.49 -19.71 -30.09
CA VAL D 244 -8.83 -19.69 -30.68
C VAL D 244 -8.94 -18.46 -31.56
N PRO D 245 -9.11 -18.62 -32.87
CA PRO D 245 -9.15 -17.45 -33.75
C PRO D 245 -10.24 -16.48 -33.34
N TYR D 246 -9.88 -15.19 -33.34
CA TYR D 246 -10.83 -14.12 -33.04
C TYR D 246 -12.09 -14.23 -33.88
N GLN D 247 -11.97 -14.70 -35.12
CA GLN D 247 -13.12 -14.80 -36.02
C GLN D 247 -14.15 -15.82 -35.55
N GLN D 248 -13.77 -16.76 -34.67
CA GLN D 248 -14.77 -17.65 -34.08
C GLN D 248 -15.85 -16.85 -33.37
N SER D 249 -15.44 -15.85 -32.57
CA SER D 249 -16.40 -15.05 -31.82
C SER D 249 -17.17 -14.10 -32.73
N VAL D 250 -16.50 -13.53 -33.74
CA VAL D 250 -17.21 -12.71 -34.72
C VAL D 250 -18.30 -13.54 -35.41
N GLN D 251 -17.96 -14.77 -35.80
CA GLN D 251 -18.92 -15.64 -36.45
C GLN D 251 -20.12 -15.90 -35.55
N LEU D 252 -19.86 -16.22 -34.28
CA LEU D 252 -20.94 -16.43 -33.32
C LEU D 252 -21.80 -15.18 -33.18
N PHE D 253 -21.16 -14.03 -32.98
CA PHE D 253 -21.89 -12.79 -32.75
C PHE D 253 -22.81 -12.47 -33.92
N GLU D 254 -22.30 -12.59 -35.14
CA GLU D 254 -23.10 -12.27 -36.31
C GLU D 254 -24.27 -13.25 -36.45
N ALA D 255 -24.05 -14.54 -36.16
CA ALA D 255 -25.14 -15.50 -36.26
C ALA D 255 -26.18 -15.25 -35.19
N LEU D 256 -25.75 -14.88 -33.97
CA LEU D 256 -26.72 -14.60 -32.91
C LEU D 256 -27.55 -13.37 -33.23
N ILE D 257 -26.91 -12.31 -33.75
CA ILE D 257 -27.64 -11.10 -34.12
C ILE D 257 -28.63 -11.41 -35.24
N LYS D 258 -28.18 -12.17 -36.25
CA LYS D 258 -29.07 -12.54 -37.34
C LYS D 258 -30.30 -13.28 -36.83
N GLU D 259 -30.16 -14.07 -35.78
CA GLU D 259 -31.27 -14.82 -35.23
C GLU D 259 -32.13 -14.02 -34.26
N GLY D 260 -31.79 -12.76 -34.00
CA GLY D 260 -32.58 -11.96 -33.09
C GLY D 260 -32.19 -12.07 -31.63
N HIS D 261 -31.01 -12.60 -31.33
CA HIS D 261 -30.63 -12.81 -29.93
C HIS D 261 -30.06 -11.55 -29.32
N ASP D 262 -30.23 -11.42 -28.01
CA ASP D 262 -29.56 -10.42 -27.20
C ASP D 262 -28.11 -10.87 -27.03
N ALA D 263 -27.21 -10.29 -27.81
CA ALA D 263 -25.81 -10.63 -27.72
C ALA D 263 -24.98 -9.37 -27.64
N LEU D 264 -23.91 -9.45 -26.86
CA LEU D 264 -22.98 -8.35 -26.65
C LEU D 264 -21.59 -8.89 -26.90
N MSE D 265 -20.79 -8.21 -27.72
CA MSE D 265 -19.43 -8.66 -27.94
C MSE D 265 -18.42 -7.52 -27.84
O MSE D 265 -18.66 -6.40 -28.31
CB MSE D 265 -19.28 -9.34 -29.30
CG MSE D 265 -17.86 -9.81 -29.57
SE MSE D 265 -17.65 -10.80 -31.22
CE MSE D 265 -15.71 -10.68 -31.36
N TYR D 266 -17.28 -7.82 -27.21
CA TYR D 266 -16.17 -6.89 -27.08
C TYR D 266 -14.92 -7.48 -27.71
N LYS D 267 -14.28 -6.68 -28.56
CA LYS D 267 -12.97 -7.00 -29.11
C LYS D 267 -11.91 -6.43 -28.18
N ILE D 268 -11.08 -7.28 -27.60
CA ILE D 268 -10.03 -6.83 -26.68
C ILE D 268 -8.77 -6.58 -27.51
N ASN D 269 -8.54 -5.31 -27.84
CA ASN D 269 -7.45 -4.95 -28.73
C ASN D 269 -6.10 -5.24 -28.09
N GLY D 270 -5.24 -5.95 -28.82
CA GLY D 270 -3.91 -6.27 -28.34
C GLY D 270 -3.85 -7.40 -27.34
N ALA D 271 -4.98 -7.98 -26.98
CA ALA D 271 -4.97 -9.12 -26.08
C ALA D 271 -4.96 -10.42 -26.88
N GLY D 272 -4.38 -11.45 -26.28
CA GLY D 272 -4.33 -12.76 -26.89
C GLY D 272 -5.09 -13.79 -26.07
N HIS D 273 -4.60 -15.02 -26.05
CA HIS D 273 -5.26 -16.13 -25.39
C HIS D 273 -4.90 -16.11 -23.90
N ASN D 274 -5.50 -15.17 -23.18
CA ASN D 274 -5.31 -15.01 -21.75
C ASN D 274 -6.61 -14.51 -21.14
N GLY D 275 -6.91 -14.95 -19.92
CA GLY D 275 -8.05 -14.42 -19.21
C GLY D 275 -8.02 -12.90 -19.19
N PHE D 276 -9.17 -12.26 -19.36
CA PHE D 276 -9.24 -10.81 -19.35
C PHE D 276 -9.38 -10.31 -17.91
N THR D 277 -8.29 -10.50 -17.16
CA THR D 277 -8.29 -10.30 -15.71
C THR D 277 -7.94 -8.88 -15.30
N GLN D 278 -7.78 -7.96 -16.26
CA GLN D 278 -7.58 -6.58 -15.88
C GLN D 278 -8.90 -5.98 -15.41
N ALA D 279 -8.81 -4.93 -14.60
CA ALA D 279 -9.98 -4.43 -13.87
C ALA D 279 -11.09 -3.97 -14.82
N HIS D 280 -10.74 -3.27 -15.89
CA HIS D 280 -11.76 -2.73 -16.77
C HIS D 280 -12.41 -3.82 -17.62
N THR D 281 -11.68 -4.90 -17.94
CA THR D 281 -12.33 -5.99 -18.64
C THR D 281 -13.19 -6.84 -17.69
N LEU D 282 -12.76 -7.01 -16.45
CA LEU D 282 -13.60 -7.72 -15.49
C LEU D 282 -14.86 -6.94 -15.17
N ASP D 283 -14.79 -5.60 -15.22
CA ASP D 283 -15.97 -4.77 -14.98
C ASP D 283 -17.07 -5.06 -16.01
N ILE D 284 -16.68 -5.36 -17.25
CA ILE D 284 -17.65 -5.72 -18.28
C ILE D 284 -18.42 -6.97 -17.86
N VAL D 285 -17.69 -8.00 -17.40
CA VAL D 285 -18.34 -9.22 -16.94
C VAL D 285 -19.24 -8.92 -15.75
N LYS D 286 -18.75 -8.08 -14.82
CA LYS D 286 -19.55 -7.72 -13.65
C LYS D 286 -20.82 -6.98 -14.05
N SER D 287 -20.71 -6.05 -15.01
CA SER D 287 -21.89 -5.29 -15.43
C SER D 287 -22.91 -6.22 -16.10
N PHE D 288 -22.42 -7.16 -16.91
CA PHE D 288 -23.30 -8.08 -17.62
C PHE D 288 -24.11 -8.93 -16.64
N PHE D 289 -23.45 -9.54 -15.66
CA PHE D 289 -24.17 -10.39 -14.73
C PHE D 289 -25.06 -9.58 -13.79
N ARG D 290 -24.62 -8.37 -13.42
N ARG D 290 -24.63 -8.36 -13.42
CA ARG D 290 -25.47 -7.48 -12.64
CA ARG D 290 -25.50 -7.51 -12.61
C ARG D 290 -26.79 -7.23 -13.35
C ARG D 290 -26.80 -7.21 -13.35
N LYS D 291 -26.72 -6.92 -14.65
CA LYS D 291 -27.92 -6.63 -15.42
C LYS D 291 -28.90 -7.79 -15.41
N HIS D 292 -28.41 -9.02 -15.63
CA HIS D 292 -29.29 -10.15 -15.86
C HIS D 292 -29.53 -11.03 -14.64
N LEU D 293 -28.64 -10.99 -13.65
CA LEU D 293 -28.82 -11.78 -12.44
C LEU D 293 -29.26 -10.97 -11.24
N LYS D 294 -29.14 -9.64 -11.32
CA LYS D 294 -29.70 -8.72 -10.33
C LYS D 294 -29.27 -8.99 -8.88
N PRO D 295 -27.97 -8.99 -8.58
CA PRO D 295 -27.55 -9.09 -7.19
C PRO D 295 -28.01 -7.89 -6.39
N GLY D 296 -28.24 -8.11 -5.10
CA GLY D 296 -28.68 -7.04 -4.21
C GLY D 296 -30.03 -7.30 -3.58
C1 EDO E . 13.74 -13.82 -20.50
O1 EDO E . 13.68 -13.45 -19.12
C2 EDO E . 12.32 -14.04 -20.99
O2 EDO E . 12.29 -14.88 -22.15
C1 PEG F . -18.05 -27.48 26.10
O1 PEG F . -17.82 -28.87 25.84
C2 PEG F . -17.48 -26.63 24.97
O2 PEG F . -18.39 -26.59 23.88
C3 PEG F . -18.24 -25.40 23.10
C4 PEG F . -19.29 -25.38 22.00
O4 PEG F . -19.00 -26.40 21.04
C1 EDO G . -14.39 -28.75 26.84
O1 EDO G . -13.23 -29.56 26.67
C2 EDO G . -14.11 -27.74 27.92
O2 EDO G . -15.29 -26.96 28.16
C1 EDO H . -8.90 -21.97 22.20
O1 EDO H . -9.66 -23.17 22.45
C2 EDO H . -7.73 -22.30 21.29
O2 EDO H . -8.22 -22.63 19.98
C1 EDO I . -12.01 -22.11 16.72
O1 EDO I . -10.72 -22.28 16.12
C2 EDO I . -11.90 -22.38 18.22
O2 EDO I . -10.96 -21.45 18.78
C1 EDO J . 0.12 -17.98 -26.83
O1 EDO J . -1.00 -18.73 -26.35
C2 EDO J . 1.29 -18.91 -27.10
O2 EDO J . 2.49 -18.21 -26.77
C1 EDO K . 8.56 -32.18 0.06
O1 EDO K . 7.32 -31.57 -0.26
C2 EDO K . 8.39 -33.04 1.30
O2 EDO K . 7.17 -33.79 1.19
C1 SBT L . -9.94 -24.93 -4.23
C2 SBT L . -8.70 -25.51 -3.56
C3 SBT L . -8.70 -25.31 -2.05
C4 SBT L . -7.49 -24.54 -1.57
OH SBT L . -8.62 -26.92 -3.84
C1 PEG M . 27.80 20.32 -16.51
O1 PEG M . 26.65 21.07 -16.11
C2 PEG M . 28.97 20.65 -15.59
O2 PEG M . 30.19 20.42 -16.29
C3 PEG M . 31.29 21.10 -15.70
C4 PEG M . 32.22 21.62 -16.80
O4 PEG M . 31.65 22.79 -17.39
C1 EDO N . 31.66 20.78 -5.39
O1 EDO N . 32.06 21.66 -4.33
C2 EDO N . 32.86 20.40 -6.22
O2 EDO N . 32.85 21.16 -7.44
C1 EDO O . 26.33 20.01 -6.98
O1 EDO O . 26.43 20.34 -5.59
C2 EDO O . 27.69 20.14 -7.63
O2 EDO O . 28.68 19.53 -6.78
C1 EDO P . -13.62 2.10 19.57
O1 EDO P . -15.04 1.97 19.48
C2 EDO P . -13.20 3.57 19.49
O2 EDO P . -12.73 4.03 20.77
C1 EDO Q . 10.07 25.16 1.55
O1 EDO Q . 11.05 24.90 2.57
C2 EDO Q . 8.68 25.29 2.18
O2 EDO Q . 7.72 24.50 1.46
C1 EDO R . -3.16 17.00 19.19
O1 EDO R . -2.04 16.49 18.45
C2 EDO R . -3.37 16.20 20.47
O2 EDO R . -4.76 16.16 20.84
C1 PEG S . -9.65 31.54 18.95
O1 PEG S . -8.34 32.14 18.92
C2 PEG S . -10.69 32.63 18.74
O2 PEG S . -11.99 32.08 18.56
C3 PEG S . -12.97 33.00 19.03
C4 PEG S . -13.09 34.15 18.03
O4 PEG S . -13.29 35.38 18.73
C1 EDO T . -16.70 34.79 15.21
O1 EDO T . -15.54 35.37 14.62
C2 EDO T . -16.34 34.23 16.58
O2 EDO T . -17.52 34.05 17.35
C1 EDO U . 7.64 11.11 -18.13
O1 EDO U . 7.94 12.42 -18.65
C2 EDO U . 7.12 11.26 -16.71
O2 EDO U . 6.08 12.25 -16.67
C1 EDO V . -13.92 27.27 9.79
O1 EDO V . -14.41 27.12 11.13
C2 EDO V . -13.08 26.07 9.39
O2 EDO V . -11.68 26.42 9.44
C1 EDO W . -8.41 25.89 11.66
O1 EDO W . -9.85 25.89 11.64
C2 EDO W . -7.88 25.69 10.24
O2 EDO W . -6.69 24.88 10.25
C1 EDO X . -28.43 8.88 -7.80
O1 EDO X . -29.08 9.01 -9.07
C2 EDO X . -27.66 10.16 -7.50
O2 EDO X . -26.89 9.98 -6.30
C1 EDO Y . -7.82 -25.12 -27.91
O1 EDO Y . -7.44 -25.74 -29.15
C2 EDO Y . -9.24 -24.58 -28.03
O2 EDO Y . -9.91 -24.78 -26.78
C1 EDO Z . -30.51 -19.93 3.15
O1 EDO Z . -30.43 -20.69 1.94
C2 EDO Z . -31.64 -20.47 4.02
O2 EDO Z . -31.43 -21.87 4.25
C1 EDO AA . -5.95 -23.74 -24.25
O1 EDO AA . -7.10 -23.06 -24.79
C2 EDO AA . -5.90 -23.53 -22.74
O2 EDO AA . -7.19 -23.83 -22.18
C1 EDO BA . -2.35 -29.40 -32.47
O1 EDO BA . -1.41 -28.72 -33.32
C2 EDO BA . -2.55 -30.85 -32.93
O2 EDO BA . -1.30 -31.55 -32.91
C1 EDO CA . -1.14 -31.67 -29.64
O1 EDO CA . -0.91 -30.35 -29.13
C2 EDO CA . -1.39 -32.63 -28.48
O2 EDO CA . -1.75 -33.93 -28.95
C1 EDO DA . 0.53 -28.44 -22.10
O1 EDO DA . 1.83 -29.00 -21.87
C2 EDO DA . -0.53 -29.45 -21.67
O2 EDO DA . -0.47 -29.62 -20.25
#